data_7UCW
#
_entry.id   7UCW
#
_cell.length_a   82.379
_cell.length_b   117.191
_cell.length_c   232.248
_cell.angle_alpha   90.000
_cell.angle_beta   90.000
_cell.angle_gamma   90.000
#
_symmetry.space_group_name_H-M   'C 2 2 21'
#
loop_
_entity.id
_entity.type
_entity.pdbx_description
1 polymer 'Decr1 protein'
2 non-polymer '[[(2R,3R,4R,5R)-5-(6-aminopurin-9-yl)-4-[[(2R,3R,4R,5R)-5-(6-aminopurin-9-yl)-4-[[(2R,3S,4R,5R)-5-(6-aminopurin-9-yl)-3,4-dihydroxy-oxolan-2-yl]methoxy-hydroxy-phosphoryl]oxy-3-hydroxy-oxolan-2-yl]methoxy-hydroxy-phosphoryl]oxy-3-hydroxy-oxolan-2-yl]methoxy-hydroxy-phosphoryl] phosphono hydrogen phosphate'
3 water water
#
_entity_poly.entity_id   1
_entity_poly.type   'polypeptide(L)'
_entity_poly.pdbx_seq_one_letter_code
;SKDAPQSKFFQPVLKPMLPPDAFQGKVAFITGGGTGLGKAMTTFLSTLGAQCVIASRNIDVLKATAEEISSKTGNKVHAI
RCDVRDPDMVHNTVLELIKVAGHPDVVINNAAGNFISPSERLTPNGWKTITDIVLNGTAYVTLEIGKQLIKAQKGAAFLA
ITTIYAESGSGFVMPSSSAKSGVEAMNKSLAAEWGRYGMRFNIIQPGPIKTKGAFSRLDPTGRFEKEMIDRIPCGRLGTM
EELANLATFLCSDYASWINGAVIRFDGGEEVFLSGEFNSLKKVTKEEWDIIEGLIRKTKGS
;
_entity_poly.pdbx_strand_id   A,B,C,D
#
# COMPACT_ATOMS: atom_id res chain seq x y z
N SER A 1 -12.43 26.48 21.63
CA SER A 1 -11.14 26.01 21.10
C SER A 1 -11.25 25.79 19.60
N LYS A 2 -10.19 25.21 19.04
CA LYS A 2 -10.14 24.89 17.63
C LYS A 2 -10.76 23.54 17.29
N ASP A 3 -11.16 22.75 18.30
CA ASP A 3 -11.64 21.41 18.02
C ASP A 3 -13.00 21.46 17.32
N ALA A 4 -13.23 20.47 16.47
CA ALA A 4 -14.48 20.38 15.75
C ALA A 4 -15.55 19.73 16.62
N PRO A 5 -16.83 19.93 16.30
CA PRO A 5 -17.89 19.44 17.20
C PRO A 5 -17.83 17.95 17.51
N GLN A 6 -17.43 17.12 16.54
CA GLN A 6 -17.44 15.68 16.75
C GLN A 6 -16.35 15.21 17.70
N SER A 7 -15.41 16.08 18.07
CA SER A 7 -14.40 15.66 19.02
C SER A 7 -15.01 15.24 20.35
N LYS A 8 -16.23 15.66 20.64
CA LYS A 8 -16.88 15.23 21.88
C LYS A 8 -17.03 13.72 21.93
N PHE A 9 -17.05 13.07 20.77
CA PHE A 9 -17.21 11.63 20.69
C PHE A 9 -15.88 10.89 20.81
N PHE A 10 -14.76 11.60 20.82
CA PHE A 10 -13.44 11.01 20.75
C PHE A 10 -12.52 11.63 21.79
N GLN A 11 -12.99 11.73 23.03
CA GLN A 11 -12.17 12.40 24.05
C GLN A 11 -10.92 11.59 24.36
N PRO A 12 -9.80 12.25 24.58
CA PRO A 12 -8.57 11.52 24.91
C PRO A 12 -8.58 11.03 26.34
N VAL A 13 -7.96 9.87 26.53
CA VAL A 13 -7.66 9.32 27.85
C VAL A 13 -6.15 9.43 28.04
N LEU A 14 -5.74 10.14 29.09
CA LEU A 14 -4.33 10.49 29.25
C LEU A 14 -3.58 9.57 30.20
N LYS A 15 -4.27 8.69 30.89
CA LYS A 15 -3.61 7.82 31.86
C LYS A 15 -2.93 6.66 31.15
N PRO A 16 -1.82 6.17 31.68
CA PRO A 16 -1.23 4.93 31.15
C PRO A 16 -2.22 3.78 31.26
N MET A 17 -2.35 3.01 30.17
CA MET A 17 -3.34 1.95 30.11
C MET A 17 -2.82 0.59 30.53
N LEU A 18 -1.52 0.34 30.45
CA LEU A 18 -0.98 -0.98 30.80
C LEU A 18 -0.84 -1.16 32.29
N PRO A 19 -0.68 -2.40 32.75
CA PRO A 19 -0.60 -2.64 34.19
C PRO A 19 0.64 -1.98 34.78
N PRO A 20 0.58 -1.60 36.06
CA PRO A 20 1.68 -0.85 36.69
C PRO A 20 3.08 -1.45 36.63
N ASP A 21 3.20 -2.75 36.41
CA ASP A 21 4.51 -3.38 36.37
C ASP A 21 4.82 -3.96 35.00
N ALA A 22 4.17 -3.45 33.96
CA ALA A 22 4.30 -4.04 32.63
C ALA A 22 5.72 -4.00 32.08
N PHE A 23 6.57 -3.09 32.57
CA PHE A 23 7.95 -3.02 32.12
C PHE A 23 8.94 -3.25 33.25
N GLN A 24 8.50 -3.85 34.36
CA GLN A 24 9.41 -4.16 35.44
C GLN A 24 10.52 -5.07 34.95
N GLY A 25 11.77 -4.71 35.25
CA GLY A 25 12.89 -5.50 34.80
C GLY A 25 13.37 -5.23 33.40
N LYS A 26 12.70 -4.35 32.66
CA LYS A 26 13.06 -4.07 31.28
C LYS A 26 13.91 -2.81 31.19
N VAL A 27 14.74 -2.77 30.17
CA VAL A 27 15.57 -1.62 29.81
C VAL A 27 15.09 -1.08 28.49
N ALA A 28 14.89 0.24 28.40
CA ALA A 28 14.46 0.89 27.17
C ALA A 28 15.46 1.98 26.78
N PHE A 29 15.70 2.11 25.47
CA PHE A 29 16.60 3.11 24.90
C PHE A 29 15.78 3.95 23.93
N ILE A 30 15.76 5.28 24.14
CA ILE A 30 14.89 6.17 23.35
C ILE A 30 15.73 7.31 22.78
N THR A 31 15.86 7.38 21.46
CA THR A 31 16.53 8.53 20.86
C THR A 31 15.55 9.69 20.79
N GLY A 32 16.04 10.89 21.06
CA GLY A 32 15.15 12.02 21.21
C GLY A 32 14.28 11.95 22.46
N GLY A 33 14.71 11.18 23.47
CA GLY A 33 13.90 10.94 24.64
C GLY A 33 13.78 12.09 25.59
N GLY A 34 14.50 13.19 25.32
CA GLY A 34 14.46 14.35 26.18
C GLY A 34 13.34 15.34 25.92
N THR A 35 12.66 15.24 24.78
CA THR A 35 11.62 16.21 24.44
C THR A 35 10.45 15.53 23.77
N GLY A 36 9.33 16.25 23.72
CA GLY A 36 8.21 15.90 22.86
C GLY A 36 7.76 14.46 22.98
N LEU A 37 7.59 13.80 21.84
CA LEU A 37 7.07 12.44 21.85
C LEU A 37 8.03 11.50 22.55
N GLY A 38 9.34 11.68 22.35
CA GLY A 38 10.30 10.81 23.01
C GLY A 38 10.19 10.90 24.52
N LYS A 39 10.05 12.12 25.05
CA LYS A 39 9.87 12.32 26.48
C LYS A 39 8.58 11.67 26.97
N ALA A 40 7.50 11.81 26.20
CA ALA A 40 6.24 11.20 26.62
C ALA A 40 6.35 9.68 26.68
N MET A 41 6.98 9.06 25.66
CA MET A 41 7.15 7.61 25.66
C MET A 41 8.03 7.17 26.80
N THR A 42 9.12 7.91 27.05
CA THR A 42 10.00 7.58 28.17
C THR A 42 9.23 7.68 29.48
N THR A 43 8.42 8.73 29.63
CA THR A 43 7.67 8.92 30.87
C THR A 43 6.77 7.73 31.13
N PHE A 44 6.04 7.26 30.12
CA PHE A 44 5.15 6.13 30.34
C PHE A 44 5.95 4.85 30.59
N LEU A 45 7.03 4.62 29.84
CA LEU A 45 7.86 3.44 30.09
C LEU A 45 8.37 3.43 31.54
N SER A 46 8.89 4.56 31.99
CA SER A 46 9.42 4.64 33.35
C SER A 46 8.31 4.45 34.37
N THR A 47 7.14 5.03 34.12
CA THR A 47 6.01 4.91 35.03
C THR A 47 5.63 3.44 35.22
N LEU A 48 5.78 2.64 34.17
CA LEU A 48 5.41 1.23 34.13
C LEU A 48 6.56 0.31 34.53
N GLY A 49 7.66 0.86 35.04
CA GLY A 49 8.69 0.07 35.66
C GLY A 49 9.99 -0.03 34.88
N ALA A 50 10.04 0.48 33.67
CA ALA A 50 11.27 0.33 32.89
C ALA A 50 12.39 1.18 33.45
N GLN A 51 13.62 0.74 33.24
CA GLN A 51 14.80 1.56 33.39
C GLN A 51 15.12 2.12 32.02
N CYS A 52 15.24 3.43 31.91
CA CYS A 52 15.35 4.05 30.60
C CYS A 52 16.68 4.76 30.42
N VAL A 53 17.08 4.80 29.15
CA VAL A 53 18.26 5.52 28.68
C VAL A 53 17.81 6.37 27.51
N ILE A 54 18.06 7.67 27.62
CA ILE A 54 17.63 8.64 26.61
C ILE A 54 18.86 9.29 26.03
N ALA A 55 18.85 9.46 24.70
CA ALA A 55 20.00 9.99 24.00
C ALA A 55 19.60 11.00 22.93
N SER A 56 20.33 12.09 22.89
CA SER A 56 20.18 13.14 21.87
C SER A 56 21.35 14.11 22.02
N ARG A 57 21.31 15.24 21.31
CA ARG A 57 22.46 16.13 21.29
C ARG A 57 22.62 16.98 22.55
N ASN A 58 21.52 17.43 23.15
CA ASN A 58 21.58 18.43 24.22
C ASN A 58 21.58 17.75 25.60
N ILE A 59 22.76 17.69 26.23
CA ILE A 59 22.86 16.96 27.50
C ILE A 59 22.08 17.64 28.61
N ASP A 60 21.99 18.97 28.60
CA ASP A 60 21.25 19.65 29.67
C ASP A 60 19.76 19.34 29.60
N VAL A 61 19.20 19.33 28.39
CA VAL A 61 17.80 18.96 28.22
C VAL A 61 17.59 17.52 28.66
N LEU A 62 18.49 16.62 28.24
CA LEU A 62 18.35 15.22 28.60
C LEU A 62 18.43 15.03 30.11
N LYS A 63 19.41 15.66 30.76
CA LYS A 63 19.54 15.50 32.21
C LYS A 63 18.32 16.05 32.93
N ALA A 64 17.77 17.18 32.47
CA ALA A 64 16.60 17.74 33.13
C ALA A 64 15.40 16.81 32.98
N THR A 65 15.21 16.26 31.79
CA THR A 65 14.11 15.30 31.59
C THR A 65 14.34 14.03 32.42
N ALA A 66 15.59 13.55 32.48
CA ALA A 66 15.87 12.36 33.24
C ALA A 66 15.53 12.55 34.70
N GLU A 67 15.93 13.70 35.27
CA GLU A 67 15.65 13.98 36.67
C GLU A 67 14.14 14.11 36.89
N GLU A 68 13.46 14.81 35.98
CA GLU A 68 12.01 14.98 36.10
C GLU A 68 11.31 13.64 36.13
N ILE A 69 11.63 12.77 35.18
CA ILE A 69 10.93 11.49 35.11
C ILE A 69 11.28 10.62 36.30
N SER A 70 12.57 10.46 36.57
CA SER A 70 12.97 9.53 37.61
C SER A 70 12.51 9.99 38.98
N SER A 71 12.43 11.30 39.21
CA SER A 71 11.93 11.80 40.49
C SER A 71 10.48 11.39 40.71
N LYS A 72 9.68 11.38 39.65
CA LYS A 72 8.27 11.05 39.79
C LYS A 72 8.03 9.54 39.86
N THR A 73 8.82 8.74 39.11
CA THR A 73 8.55 7.31 39.04
C THR A 73 9.39 6.46 39.98
N GLY A 74 10.52 6.96 40.44
CA GLY A 74 11.41 6.16 41.24
C GLY A 74 12.31 5.23 40.45
N ASN A 75 12.19 5.19 39.12
CA ASN A 75 12.99 4.32 38.28
C ASN A 75 14.05 5.15 37.56
N LYS A 76 15.24 4.58 37.40
CA LYS A 76 16.35 5.32 36.83
C LYS A 76 16.12 5.71 35.37
N VAL A 77 16.54 6.93 35.04
CA VAL A 77 16.63 7.41 33.67
C VAL A 77 18.04 7.96 33.47
N HIS A 78 18.78 7.37 32.54
CA HIS A 78 20.15 7.75 32.24
CA HIS A 78 20.14 7.78 32.27
C HIS A 78 20.18 8.57 30.97
N ALA A 79 20.91 9.66 30.99
CA ALA A 79 21.08 10.54 29.83
C ALA A 79 22.44 10.27 29.20
N ILE A 80 22.47 10.14 27.88
CA ILE A 80 23.73 10.05 27.14
C ILE A 80 23.67 11.01 25.96
N ARG A 81 24.67 11.88 25.85
CA ARG A 81 24.76 12.74 24.67
C ARG A 81 25.15 11.89 23.45
N CYS A 82 24.40 12.05 22.36
CA CYS A 82 24.70 11.34 21.14
C CYS A 82 24.07 12.08 19.97
N ASP A 83 24.90 12.43 18.98
CA ASP A 83 24.40 12.88 17.67
C ASP A 83 24.32 11.64 16.80
N VAL A 84 23.09 11.24 16.45
CA VAL A 84 22.89 9.98 15.73
C VAL A 84 23.47 10.02 14.33
N ARG A 85 23.82 11.20 13.80
CA ARG A 85 24.49 11.29 12.51
C ARG A 85 25.89 10.69 12.55
N ASP A 86 26.46 10.53 13.73
CA ASP A 86 27.85 10.12 13.88
C ASP A 86 27.91 8.66 14.32
N PRO A 87 28.27 7.73 13.42
CA PRO A 87 28.23 6.31 13.79
C PRO A 87 29.20 5.96 14.90
N ASP A 88 30.31 6.68 15.02
CA ASP A 88 31.23 6.39 16.11
C ASP A 88 30.62 6.80 17.44
N MET A 89 29.93 7.93 17.46
CA MET A 89 29.23 8.32 18.69
C MET A 89 28.12 7.35 19.02
N VAL A 90 27.40 6.87 18.00
CA VAL A 90 26.38 5.85 18.24
C VAL A 90 26.98 4.60 18.85
N HIS A 91 28.12 4.13 18.31
CA HIS A 91 28.78 2.96 18.87
C HIS A 91 29.11 3.17 20.35
N ASN A 92 29.70 4.32 20.67
CA ASN A 92 30.07 4.59 22.05
C ASN A 92 28.84 4.71 22.95
N THR A 93 27.74 5.25 22.40
CA THR A 93 26.51 5.41 23.17
C THR A 93 25.91 4.06 23.50
N VAL A 94 25.93 3.15 22.53
CA VAL A 94 25.41 1.81 22.77
C VAL A 94 26.28 1.06 23.79
N LEU A 95 27.61 1.22 23.72
CA LEU A 95 28.47 0.63 24.75
C LEU A 95 28.09 1.16 26.13
N GLU A 96 27.84 2.46 26.23
CA GLU A 96 27.50 3.03 27.53
C GLU A 96 26.14 2.54 28.02
N LEU A 97 25.16 2.45 27.10
CA LEU A 97 23.88 1.85 27.43
C LEU A 97 24.06 0.48 28.06
N ILE A 98 24.86 -0.37 27.43
CA ILE A 98 25.03 -1.74 27.95
C ILE A 98 25.75 -1.73 29.30
N LYS A 99 26.68 -0.79 29.50
CA LYS A 99 27.41 -0.72 30.76
C LYS A 99 26.52 -0.22 31.90
N VAL A 100 25.76 0.85 31.67
CA VAL A 100 25.05 1.51 32.77
C VAL A 100 23.72 0.82 33.08
N ALA A 101 23.04 0.28 32.09
CA ALA A 101 21.72 -0.30 32.26
C ALA A 101 21.66 -1.75 31.85
N GLY A 102 22.28 -2.11 30.74
CA GLY A 102 22.23 -3.44 30.17
C GLY A 102 21.75 -3.41 28.73
N HIS A 103 21.77 -4.58 28.09
CA HIS A 103 21.18 -4.67 26.76
C HIS A 103 19.72 -4.20 26.81
N PRO A 104 19.26 -3.44 25.82
CA PRO A 104 17.88 -2.96 25.85
C PRO A 104 16.90 -4.04 25.41
N ASP A 105 15.76 -4.09 26.10
CA ASP A 105 14.61 -4.86 25.67
C ASP A 105 13.70 -4.10 24.72
N VAL A 106 13.82 -2.78 24.75
CA VAL A 106 12.96 -1.87 23.99
C VAL A 106 13.86 -0.81 23.37
N VAL A 107 13.70 -0.59 22.07
CA VAL A 107 14.47 0.42 21.35
C VAL A 107 13.49 1.30 20.58
N ILE A 108 13.52 2.60 20.82
CA ILE A 108 12.63 3.53 20.13
C ILE A 108 13.47 4.58 19.40
N ASN A 109 13.39 4.54 18.07
CA ASN A 109 14.06 5.52 17.20
C ASN A 109 13.07 6.64 16.90
N ASN A 110 13.29 7.77 17.53
CA ASN A 110 12.42 8.93 17.47
C ASN A 110 13.14 10.22 17.11
N ALA A 111 14.46 10.28 17.24
CA ALA A 111 15.20 11.51 16.89
C ALA A 111 14.94 11.87 15.44
N ALA A 112 14.69 13.15 15.19
CA ALA A 112 14.36 13.61 13.83
C ALA A 112 14.65 15.09 13.70
N GLY A 113 14.72 15.54 12.45
CA GLY A 113 14.64 16.95 12.14
C GLY A 113 13.71 17.14 10.97
N ASN A 114 13.21 18.36 10.83
CA ASN A 114 12.27 18.65 9.75
C ASN A 114 12.16 20.16 9.61
N PHE A 115 11.74 20.58 8.43
CA PHE A 115 11.32 21.94 8.19
C PHE A 115 10.45 21.91 6.94
N ILE A 116 9.56 22.86 6.83
CA ILE A 116 8.68 22.96 5.68
C ILE A 116 9.33 23.90 4.67
N SER A 117 9.35 23.47 3.41
CA SER A 117 9.96 24.30 2.38
C SER A 117 9.49 23.85 1.03
N PRO A 118 9.23 24.75 0.09
CA PRO A 118 9.15 24.33 -1.31
C PRO A 118 10.42 23.56 -1.66
N SER A 119 10.25 22.46 -2.39
CA SER A 119 11.40 21.61 -2.66
C SER A 119 12.44 22.33 -3.51
N GLU A 120 12.02 23.26 -4.37
CA GLU A 120 12.96 24.01 -5.18
C GLU A 120 13.79 24.99 -4.37
N ARG A 121 13.46 25.20 -3.09
CA ARG A 121 14.29 26.03 -2.22
C ARG A 121 15.25 25.21 -1.36
N LEU A 122 15.22 23.89 -1.49
CA LEU A 122 16.13 23.05 -0.71
C LEU A 122 17.55 23.18 -1.24
N THR A 123 18.50 23.10 -0.34
CA THR A 123 19.91 23.02 -0.70
C THR A 123 20.41 21.61 -0.41
N PRO A 124 21.54 21.22 -1.00
CA PRO A 124 22.14 19.93 -0.64
C PRO A 124 22.38 19.78 0.85
N ASN A 125 22.80 20.84 1.54
CA ASN A 125 23.04 20.71 2.97
C ASN A 125 21.75 20.44 3.73
N GLY A 126 20.65 21.09 3.35
CA GLY A 126 19.39 20.86 4.02
C GLY A 126 18.89 19.46 3.78
N TRP A 127 19.00 18.99 2.53
CA TRP A 127 18.69 17.61 2.17
C TRP A 127 19.47 16.65 3.06
N LYS A 128 20.78 16.84 3.11
CA LYS A 128 21.66 15.94 3.86
C LYS A 128 21.34 15.95 5.33
N THR A 129 21.02 17.11 5.90
CA THR A 129 20.76 17.17 7.34
C THR A 129 19.59 16.26 7.71
N ILE A 130 18.49 16.39 6.98
CA ILE A 130 17.29 15.64 7.34
C ILE A 130 17.52 14.14 7.10
N THR A 131 18.06 13.78 5.94
CA THR A 131 18.25 12.36 5.66
C THR A 131 19.31 11.75 6.59
N ASP A 132 20.36 12.49 6.90
CA ASP A 132 21.39 11.95 7.77
C ASP A 132 20.84 11.71 9.18
N ILE A 133 20.04 12.63 9.72
CA ILE A 133 19.52 12.45 11.06
C ILE A 133 18.51 11.32 11.11
N VAL A 134 17.52 11.38 10.23
CA VAL A 134 16.38 10.49 10.28
C VAL A 134 16.73 9.09 9.79
N LEU A 135 17.25 9.00 8.55
CA LEU A 135 17.49 7.71 7.94
C LEU A 135 18.82 7.12 8.39
N ASN A 136 19.92 7.84 8.21
CA ASN A 136 21.18 7.24 8.60
C ASN A 136 21.26 7.08 10.11
N GLY A 137 20.77 8.06 10.88
CA GLY A 137 20.82 7.94 12.33
C GLY A 137 20.06 6.73 12.82
N THR A 138 18.83 6.53 12.33
CA THR A 138 18.07 5.36 12.75
C THR A 138 18.78 4.08 12.32
N ALA A 139 19.38 4.06 11.11
CA ALA A 139 20.12 2.89 10.68
C ALA A 139 21.31 2.60 11.59
N TYR A 140 22.09 3.62 11.93
CA TYR A 140 23.24 3.36 12.78
C TYR A 140 22.84 2.80 14.14
N VAL A 141 21.82 3.40 14.77
CA VAL A 141 21.35 2.91 16.07
C VAL A 141 20.85 1.48 15.94
N THR A 142 20.04 1.23 14.90
CA THR A 142 19.44 -0.10 14.78
C THR A 142 20.49 -1.15 14.48
N LEU A 143 21.42 -0.86 13.58
CA LEU A 143 22.47 -1.82 13.26
C LEU A 143 23.38 -2.05 14.46
N GLU A 144 23.76 -1.00 15.19
CA GLU A 144 24.68 -1.17 16.31
C GLU A 144 24.03 -2.01 17.41
N ILE A 145 22.81 -1.65 17.80
CA ILE A 145 22.14 -2.42 18.84
C ILE A 145 21.86 -3.85 18.36
N GLY A 146 21.37 -3.99 17.12
CA GLY A 146 21.10 -5.31 16.61
C GLY A 146 22.31 -6.23 16.62
N LYS A 147 23.47 -5.72 16.18
CA LYS A 147 24.68 -6.53 16.23
C LYS A 147 25.01 -6.96 17.65
N GLN A 148 24.83 -6.06 18.63
CA GLN A 148 25.08 -6.44 20.02
C GLN A 148 24.09 -7.48 20.51
N LEU A 149 22.83 -7.38 20.12
CA LEU A 149 21.82 -8.34 20.56
C LEU A 149 22.05 -9.70 19.91
N ILE A 150 22.51 -9.71 18.65
CA ILE A 150 22.83 -10.97 17.99
C ILE A 150 23.97 -11.67 18.71
N LYS A 151 25.01 -10.92 19.06
CA LYS A 151 26.14 -11.51 19.77
C LYS A 151 25.72 -12.07 21.10
N ALA A 152 24.79 -11.41 21.77
CA ALA A 152 24.34 -11.80 23.10
C ALA A 152 23.22 -12.83 23.09
N GLN A 153 22.65 -13.14 21.93
CA GLN A 153 21.46 -13.99 21.84
C GLN A 153 20.36 -13.54 22.81
N LYS A 154 20.05 -12.25 22.70
CA LYS A 154 19.00 -11.60 23.45
C LYS A 154 18.12 -10.90 22.43
N GLY A 155 16.82 -10.87 22.72
CA GLY A 155 15.85 -10.26 21.85
C GLY A 155 15.46 -8.87 22.31
N ALA A 156 14.67 -8.20 21.47
CA ALA A 156 14.17 -6.87 21.79
C ALA A 156 13.03 -6.53 20.86
N ALA A 157 12.25 -5.53 21.28
CA ALA A 157 11.22 -4.90 20.45
C ALA A 157 11.69 -3.52 20.06
N PHE A 158 11.69 -3.27 18.75
CA PHE A 158 12.07 -2.00 18.18
C PHE A 158 10.81 -1.29 17.67
N LEU A 159 10.80 0.03 17.80
CA LEU A 159 9.71 0.86 17.30
C LEU A 159 10.32 2.09 16.66
N ALA A 160 9.85 2.41 15.46
CA ALA A 160 10.22 3.64 14.80
C ALA A 160 9.00 4.53 14.65
N ILE A 161 9.17 5.81 14.96
CA ILE A 161 8.12 6.81 14.77
C ILE A 161 8.37 7.44 13.41
N THR A 162 7.46 7.24 12.46
CA THR A 162 7.60 7.85 11.14
C THR A 162 6.57 8.96 10.99
N THR A 163 5.64 8.80 10.05
CA THR A 163 4.63 9.81 9.75
C THR A 163 3.73 9.24 8.67
N ILE A 164 2.47 9.67 8.61
CA ILE A 164 1.59 9.25 7.51
C ILE A 164 2.16 9.61 6.14
N TYR A 165 2.97 10.68 6.03
CA TYR A 165 3.43 11.09 4.69
C TYR A 165 4.65 10.33 4.22
N ALA A 166 5.20 9.40 5.02
CA ALA A 166 6.26 8.54 4.54
C ALA A 166 5.75 7.63 3.44
N GLU A 167 4.59 7.03 3.64
CA GLU A 167 4.03 6.11 2.66
C GLU A 167 3.39 6.83 1.48
N SER A 168 2.79 7.99 1.71
CA SER A 168 2.10 8.68 0.66
C SER A 168 2.99 9.57 -0.18
N GLY A 169 4.11 10.00 0.37
CA GLY A 169 4.78 11.20 -0.10
C GLY A 169 4.06 12.44 0.41
N SER A 170 4.76 13.57 0.37
CA SER A 170 4.10 14.86 0.48
C SER A 170 5.03 15.95 -0.01
N GLY A 171 4.49 16.85 -0.81
CA GLY A 171 5.19 18.08 -1.09
C GLY A 171 5.48 18.84 0.19
N PHE A 172 6.50 19.70 0.13
CA PHE A 172 6.86 20.66 1.17
C PHE A 172 7.56 20.07 2.38
N VAL A 173 7.44 18.76 2.58
CA VAL A 173 8.21 18.01 3.57
C VAL A 173 8.93 16.85 2.88
N MET A 174 9.44 17.09 1.67
CA MET A 174 9.90 16.02 0.81
C MET A 174 11.12 15.30 1.38
N PRO A 175 12.11 15.98 1.93
CA PRO A 175 13.25 15.24 2.52
C PRO A 175 12.81 14.37 3.68
N SER A 176 11.94 14.88 4.54
CA SER A 176 11.42 14.10 5.65
C SER A 176 10.63 12.90 5.14
N SER A 177 9.77 13.10 4.14
CA SER A 177 9.01 11.99 3.56
C SER A 177 9.95 10.90 3.07
N SER A 178 11.00 11.29 2.36
CA SER A 178 11.95 10.34 1.80
C SER A 178 12.70 9.59 2.89
N ALA A 179 13.22 10.32 3.87
CA ALA A 179 14.00 9.67 4.93
C ALA A 179 13.11 8.73 5.74
N LYS A 180 11.92 9.20 6.08
CA LYS A 180 10.99 8.41 6.89
C LYS A 180 10.50 7.18 6.14
N SER A 181 10.29 7.28 4.84
CA SER A 181 9.95 6.10 4.05
C SER A 181 11.11 5.11 4.07
N GLY A 182 12.34 5.61 3.98
CA GLY A 182 13.48 4.70 4.12
C GLY A 182 13.48 3.97 5.45
N VAL A 183 13.16 4.68 6.54
CA VAL A 183 13.04 4.06 7.85
C VAL A 183 11.97 2.96 7.85
N GLU A 184 10.85 3.19 7.18
CA GLU A 184 9.81 2.17 7.14
C GLU A 184 10.30 0.92 6.41
N ALA A 185 10.92 1.08 5.25
CA ALA A 185 11.46 -0.07 4.54
C ALA A 185 12.52 -0.79 5.36
N MET A 186 13.40 -0.04 6.02
CA MET A 186 14.38 -0.65 6.91
C MET A 186 13.73 -1.55 7.94
N ASN A 187 12.69 -1.05 8.60
CA ASN A 187 12.09 -1.82 9.67
C ASN A 187 11.31 -3.02 9.16
N LYS A 188 10.65 -2.90 8.00
CA LYS A 188 9.97 -4.06 7.42
C LYS A 188 10.99 -5.11 7.01
N SER A 189 12.13 -4.67 6.48
CA SER A 189 13.21 -5.59 6.12
C SER A 189 13.71 -6.35 7.35
N LEU A 190 14.03 -5.63 8.43
CA LEU A 190 14.59 -6.29 9.61
C LEU A 190 13.55 -7.11 10.37
N ALA A 191 12.28 -6.73 10.31
CA ALA A 191 11.23 -7.57 10.89
C ALA A 191 11.29 -8.97 10.28
N ALA A 192 11.53 -9.05 8.97
CA ALA A 192 11.64 -10.35 8.29
C ALA A 192 13.00 -10.99 8.50
N GLU A 193 14.08 -10.22 8.49
CA GLU A 193 15.42 -10.79 8.50
C GLU A 193 15.85 -11.21 9.90
N TRP A 194 15.46 -10.44 10.91
CA TRP A 194 16.03 -10.57 12.25
C TRP A 194 15.05 -11.15 13.27
N GLY A 195 13.84 -11.54 12.86
CA GLY A 195 13.00 -12.30 13.78
C GLY A 195 13.70 -13.53 14.32
N ARG A 196 14.53 -14.17 13.50
CA ARG A 196 15.26 -15.36 13.91
C ARG A 196 16.25 -15.08 15.04
N TYR A 197 16.59 -13.82 15.24
CA TYR A 197 17.41 -13.40 16.36
C TYR A 197 16.60 -12.79 17.49
N GLY A 198 15.29 -12.93 17.48
CA GLY A 198 14.49 -12.43 18.57
C GLY A 198 14.19 -10.95 18.56
N MET A 199 14.38 -10.28 17.44
CA MET A 199 14.05 -8.87 17.33
C MET A 199 12.82 -8.70 16.46
N ARG A 200 11.90 -7.85 16.91
CA ARG A 200 10.73 -7.47 16.12
C ARG A 200 10.74 -5.96 15.98
N PHE A 201 10.12 -5.48 14.88
CA PHE A 201 10.22 -4.09 14.46
C PHE A 201 8.85 -3.63 13.99
N ASN A 202 8.35 -2.54 14.59
CA ASN A 202 7.08 -1.96 14.18
C ASN A 202 7.23 -0.46 13.97
N ILE A 203 6.23 0.09 13.29
CA ILE A 203 6.20 1.48 12.88
CA ILE A 203 6.19 1.48 12.87
C ILE A 203 4.88 2.10 13.33
N ILE A 204 4.96 3.28 13.96
CA ILE A 204 3.79 4.14 14.12
C ILE A 204 3.93 5.32 13.17
N GLN A 205 2.85 5.63 12.44
CA GLN A 205 2.78 6.75 11.52
C GLN A 205 1.88 7.81 12.12
N PRO A 206 2.41 8.83 12.78
CA PRO A 206 1.52 9.84 13.37
C PRO A 206 1.00 10.85 12.37
N GLY A 207 -0.23 11.29 12.64
CA GLY A 207 -0.72 12.57 12.17
C GLY A 207 -0.32 13.67 13.12
N PRO A 208 -1.06 14.78 13.15
CA PRO A 208 -0.63 15.94 13.94
C PRO A 208 -0.95 15.79 15.43
N ILE A 209 0.08 16.01 16.25
CA ILE A 209 0.00 15.82 17.70
C ILE A 209 0.29 17.14 18.37
N LYS A 210 -0.50 17.48 19.38
CA LYS A 210 -0.23 18.75 20.07
C LYS A 210 1.03 18.65 20.92
N GLU A 225 -3.64 25.44 11.98
CA GLU A 225 -3.98 24.37 12.91
C GLU A 225 -5.45 24.03 12.76
N LYS A 226 -6.29 25.07 12.67
CA LYS A 226 -7.72 24.88 12.46
C LYS A 226 -7.98 24.21 11.12
N GLU A 227 -7.25 24.61 10.08
CA GLU A 227 -7.42 23.98 8.78
C GLU A 227 -7.08 22.49 8.85
N MET A 228 -6.06 22.16 9.63
CA MET A 228 -5.72 20.75 9.81
C MET A 228 -6.85 20.01 10.52
N ILE A 229 -7.43 20.61 11.56
CA ILE A 229 -8.47 19.94 12.32
C ILE A 229 -9.68 19.62 11.44
N ASP A 230 -10.00 20.50 10.48
CA ASP A 230 -11.11 20.21 9.58
C ASP A 230 -10.84 19.04 8.61
N ARG A 231 -9.60 18.53 8.54
CA ARG A 231 -9.30 17.36 7.73
C ARG A 231 -9.14 16.11 8.59
N ILE A 232 -9.43 16.20 9.88
CA ILE A 232 -9.24 15.07 10.78
C ILE A 232 -10.62 14.56 11.18
N PRO A 233 -11.00 13.35 10.81
CA PRO A 233 -12.33 12.83 11.20
C PRO A 233 -12.60 12.90 12.69
N CYS A 234 -11.61 12.65 13.55
CA CYS A 234 -11.86 12.70 14.99
C CYS A 234 -11.98 14.13 15.52
N GLY A 235 -11.67 15.14 14.72
CA GLY A 235 -12.02 16.51 15.08
C GLY A 235 -11.12 17.20 16.07
N ARG A 236 -9.89 16.72 16.24
CA ARG A 236 -8.93 17.29 17.17
C ARG A 236 -7.55 16.76 16.82
N LEU A 237 -6.53 17.39 17.37
CA LEU A 237 -5.20 16.84 17.31
C LEU A 237 -5.04 15.69 18.32
N GLY A 238 -4.05 14.84 18.04
CA GLY A 238 -3.71 13.80 18.96
C GLY A 238 -2.94 14.33 20.15
N THR A 239 -2.85 13.50 21.19
CA THR A 239 -2.10 13.84 22.38
C THR A 239 -0.89 12.92 22.51
N MET A 240 0.13 13.44 23.17
CA MET A 240 1.35 12.66 23.39
C MET A 240 1.08 11.48 24.29
N GLU A 241 0.17 11.61 25.26
CA GLU A 241 -0.15 10.50 26.14
C GLU A 241 -0.79 9.35 25.37
N GLU A 242 -1.68 9.67 24.42
CA GLU A 242 -2.27 8.60 23.62
C GLU A 242 -1.21 7.90 22.78
N LEU A 243 -0.31 8.68 22.18
CA LEU A 243 0.79 8.10 21.42
C LEU A 243 1.60 7.17 22.32
N ALA A 244 1.89 7.63 23.53
CA ALA A 244 2.69 6.82 24.47
C ALA A 244 1.97 5.54 24.86
N ASN A 245 0.63 5.56 24.97
CA ASN A 245 -0.08 4.31 25.23
C ASN A 245 0.07 3.34 24.05
N LEU A 246 -0.04 3.84 22.83
CA LEU A 246 0.14 2.95 21.68
C LEU A 246 1.57 2.43 21.62
N ALA A 247 2.55 3.30 21.84
CA ALA A 247 3.95 2.91 21.76
C ALA A 247 4.31 1.90 22.84
N THR A 248 3.86 2.14 24.07
CA THR A 248 4.18 1.19 25.12
C THR A 248 3.50 -0.15 24.89
N PHE A 249 2.28 -0.16 24.37
CA PHE A 249 1.68 -1.43 24.00
C PHE A 249 2.55 -2.17 22.99
N LEU A 250 2.96 -1.48 21.91
CA LEU A 250 3.72 -2.16 20.86
C LEU A 250 5.08 -2.65 21.37
N CYS A 251 5.65 -1.99 22.36
CA CYS A 251 6.94 -2.39 22.90
C CYS A 251 6.82 -3.36 24.06
N SER A 252 5.61 -3.73 24.46
CA SER A 252 5.36 -4.60 25.59
C SER A 252 5.24 -6.05 25.15
N ASP A 253 5.34 -6.95 26.13
CA ASP A 253 5.24 -8.36 25.82
C ASP A 253 3.83 -8.77 25.42
N TYR A 254 2.84 -7.91 25.66
CA TYR A 254 1.48 -8.16 25.18
C TYR A 254 1.40 -8.11 23.66
N ALA A 255 2.40 -7.52 23.02
CA ALA A 255 2.49 -7.41 21.56
C ALA A 255 3.64 -8.25 20.99
N SER A 256 4.02 -9.33 21.68
CA SER A 256 5.17 -10.12 21.27
C SER A 256 4.98 -10.83 19.93
N TRP A 257 3.77 -10.87 19.37
CA TRP A 257 3.54 -11.42 18.03
C TRP A 257 3.24 -10.34 16.99
N ILE A 258 3.38 -9.08 17.35
CA ILE A 258 3.20 -7.98 16.42
C ILE A 258 4.59 -7.59 15.92
N ASN A 259 4.80 -7.74 14.61
CA ASN A 259 6.11 -7.61 14.00
C ASN A 259 5.89 -7.25 12.53
N GLY A 260 6.56 -6.19 12.10
CA GLY A 260 6.40 -5.71 10.75
C GLY A 260 5.17 -4.90 10.53
N ALA A 261 4.48 -4.52 11.58
CA ALA A 261 3.24 -3.76 11.46
C ALA A 261 3.52 -2.27 11.30
N VAL A 262 2.61 -1.62 10.58
CA VAL A 262 2.62 -0.19 10.34
C VAL A 262 1.27 0.34 10.77
N ILE A 263 1.24 1.19 11.80
CA ILE A 263 -0.01 1.61 12.45
C ILE A 263 -0.17 3.11 12.32
N ARG A 264 -1.24 3.54 11.61
CA ARG A 264 -1.58 4.96 11.56
C ARG A 264 -2.17 5.41 12.88
N PHE A 265 -1.64 6.51 13.41
CA PHE A 265 -2.10 7.15 14.64
C PHE A 265 -2.39 8.59 14.22
N ASP A 266 -3.61 8.85 13.72
CA ASP A 266 -3.84 10.09 12.98
C ASP A 266 -5.26 10.61 13.05
N GLY A 267 -6.11 10.08 13.92
CA GLY A 267 -7.48 10.56 14.02
C GLY A 267 -8.31 10.34 12.78
N GLY A 268 -7.81 9.53 11.84
CA GLY A 268 -8.44 9.32 10.57
C GLY A 268 -7.92 10.22 9.45
N GLU A 269 -6.91 11.04 9.72
CA GLU A 269 -6.51 12.04 8.72
C GLU A 269 -6.13 11.42 7.39
N GLU A 270 -5.34 10.36 7.39
CA GLU A 270 -4.83 9.85 6.12
C GLU A 270 -5.96 9.26 5.27
N VAL A 271 -6.89 8.52 5.88
CA VAL A 271 -7.98 8.00 5.05
C VAL A 271 -8.84 9.16 4.54
N PHE A 272 -9.02 10.21 5.34
CA PHE A 272 -9.77 11.36 4.86
C PHE A 272 -9.07 12.01 3.67
N LEU A 273 -7.79 12.31 3.82
CA LEU A 273 -7.02 12.94 2.76
C LEU A 273 -7.05 12.13 1.47
N SER A 274 -6.88 10.81 1.57
CA SER A 274 -6.60 9.99 0.41
CA SER A 274 -6.59 9.99 0.41
C SER A 274 -7.84 9.63 -0.39
N GLY A 275 -9.01 9.80 0.14
CA GLY A 275 -10.24 9.40 -0.57
C GLY A 275 -10.75 10.46 -1.53
N GLU A 276 -10.95 10.04 -2.79
CA GLU A 276 -11.22 10.99 -3.86
C GLU A 276 -12.45 11.87 -3.60
N PHE A 277 -13.50 11.32 -2.97
CA PHE A 277 -14.77 12.04 -2.81
C PHE A 277 -15.01 12.51 -1.38
N ASN A 278 -14.00 12.42 -0.52
CA ASN A 278 -14.21 12.79 0.88
C ASN A 278 -14.52 14.26 1.07
N SER A 279 -14.14 15.11 0.11
CA SER A 279 -14.46 16.53 0.22
C SER A 279 -15.96 16.78 0.16
N LEU A 280 -16.75 15.80 -0.29
CA LEU A 280 -18.20 15.99 -0.29
C LEU A 280 -18.80 16.01 1.12
N LYS A 281 -17.98 15.90 2.15
CA LYS A 281 -18.49 16.16 3.50
C LYS A 281 -19.12 17.54 3.60
N LYS A 282 -18.72 18.49 2.74
CA LYS A 282 -19.28 19.84 2.83
C LYS A 282 -20.71 19.93 2.32
N VAL A 283 -21.19 18.91 1.61
CA VAL A 283 -22.55 18.96 1.07
C VAL A 283 -23.53 18.85 2.22
N THR A 284 -24.53 19.74 2.21
CA THR A 284 -25.49 19.77 3.31
C THR A 284 -26.58 18.72 3.11
N LYS A 285 -27.28 18.44 4.21
CA LYS A 285 -28.44 17.57 4.14
C LYS A 285 -29.41 18.05 3.07
N GLU A 286 -29.64 19.36 3.02
CA GLU A 286 -30.59 19.91 2.07
C GLU A 286 -30.08 19.74 0.64
N GLU A 287 -28.79 19.97 0.42
CA GLU A 287 -28.22 19.73 -0.90
C GLU A 287 -28.34 18.27 -1.31
N TRP A 288 -28.13 17.34 -0.37
CA TRP A 288 -28.31 15.93 -0.71
C TRP A 288 -29.76 15.61 -1.04
N ASP A 289 -30.69 16.10 -0.21
CA ASP A 289 -32.11 15.96 -0.53
C ASP A 289 -32.38 16.42 -1.96
N ILE A 290 -31.83 17.58 -2.33
CA ILE A 290 -32.04 18.14 -3.66
C ILE A 290 -31.44 17.23 -4.73
N ILE A 291 -30.19 16.79 -4.51
CA ILE A 291 -29.49 15.93 -5.45
C ILE A 291 -30.21 14.61 -5.69
N GLU A 292 -31.17 14.26 -4.85
CA GLU A 292 -31.87 12.99 -4.96
C GLU A 292 -33.12 13.14 -5.84
N SER B 1 -9.76 24.59 -21.00
CA SER B 1 -11.21 24.81 -21.07
C SER B 1 -11.65 25.37 -19.71
N LYS B 2 -11.88 24.48 -18.77
CA LYS B 2 -11.76 24.77 -17.35
C LYS B 2 -10.41 24.35 -16.82
N ASP B 3 -9.49 24.00 -17.72
CA ASP B 3 -8.23 23.41 -17.32
C ASP B 3 -7.36 24.44 -16.60
N ALA B 4 -6.52 23.94 -15.71
CA ALA B 4 -5.61 24.79 -14.96
C ALA B 4 -4.42 25.17 -15.83
N PRO B 5 -3.71 26.23 -15.45
CA PRO B 5 -2.65 26.74 -16.35
C PRO B 5 -1.58 25.72 -16.68
N GLN B 6 -1.21 24.86 -15.73
CA GLN B 6 -0.12 23.92 -15.96
C GLN B 6 -0.51 22.82 -16.94
N SER B 7 -1.78 22.71 -17.30
CA SER B 7 -2.17 21.72 -18.28
C SER B 7 -1.42 21.92 -19.61
N LYS B 8 -0.89 23.11 -19.85
CA LYS B 8 -0.13 23.36 -21.07
C LYS B 8 1.08 22.43 -21.17
N PHE B 9 1.61 21.97 -20.03
CA PHE B 9 2.76 21.09 -20.02
C PHE B 9 2.41 19.63 -20.21
N PHE B 10 1.11 19.29 -20.20
CA PHE B 10 0.67 17.92 -20.14
C PHE B 10 -0.42 17.65 -21.17
N GLN B 11 -0.27 18.16 -22.39
CA GLN B 11 -1.34 18.01 -23.36
C GLN B 11 -1.54 16.54 -23.74
N PRO B 12 -2.78 16.13 -23.98
CA PRO B 12 -3.03 14.74 -24.33
C PRO B 12 -2.68 14.46 -25.78
N VAL B 13 -2.23 13.23 -26.01
CA VAL B 13 -2.05 12.68 -27.35
C VAL B 13 -3.16 11.66 -27.56
N LEU B 14 -3.97 11.87 -28.59
CA LEU B 14 -5.20 11.11 -28.77
C LEU B 14 -5.09 9.98 -29.77
N LYS B 15 -3.96 9.84 -30.47
CA LYS B 15 -3.82 8.80 -31.49
C LYS B 15 -3.31 7.50 -30.88
N PRO B 16 -3.70 6.35 -31.42
CA PRO B 16 -3.13 5.08 -30.94
C PRO B 16 -1.61 5.07 -31.09
N MET B 17 -0.94 4.57 -30.06
CA MET B 17 0.51 4.61 -30.00
C MET B 17 1.17 3.33 -30.49
N LEU B 18 0.49 2.19 -30.44
CA LEU B 18 1.12 0.93 -30.82
C LEU B 18 1.16 0.77 -32.34
N PRO B 19 1.98 -0.15 -32.84
CA PRO B 19 2.13 -0.26 -34.30
C PRO B 19 0.84 -0.68 -34.95
N PRO B 20 0.62 -0.29 -36.20
CA PRO B 20 -0.55 -0.79 -36.94
C PRO B 20 -0.55 -2.31 -36.91
N ASP B 21 -1.73 -2.88 -36.78
CA ASP B 21 -1.88 -4.34 -36.73
C ASP B 21 -1.12 -5.00 -35.57
N ALA B 22 -0.87 -4.26 -34.49
CA ALA B 22 -0.28 -4.86 -33.30
C ALA B 22 -1.18 -5.93 -32.67
N PHE B 23 -2.47 -5.92 -32.99
CA PHE B 23 -3.40 -6.93 -32.50
C PHE B 23 -3.96 -7.77 -33.63
N GLN B 24 -3.31 -7.77 -34.78
CA GLN B 24 -3.74 -8.64 -35.89
C GLN B 24 -3.75 -10.09 -35.42
N GLY B 25 -4.85 -10.78 -35.68
CA GLY B 25 -4.97 -12.17 -35.31
C GLY B 25 -5.38 -12.40 -33.87
N LYS B 26 -5.65 -11.35 -33.11
CA LYS B 26 -6.05 -11.48 -31.72
C LYS B 26 -7.55 -11.23 -31.58
N VAL B 27 -8.13 -11.84 -30.54
CA VAL B 27 -9.54 -11.67 -30.18
C VAL B 27 -9.59 -10.99 -28.81
N ALA B 28 -10.42 -9.96 -28.69
CA ALA B 28 -10.61 -9.24 -27.43
C ALA B 28 -12.09 -9.25 -27.05
N PHE B 29 -12.37 -9.43 -25.76
CA PHE B 29 -13.70 -9.41 -25.17
C PHE B 29 -13.73 -8.29 -24.15
N ILE B 30 -14.70 -7.37 -24.27
CA ILE B 30 -14.77 -6.15 -23.47
C ILE B 30 -16.17 -6.05 -22.88
N THR B 31 -16.29 -6.15 -21.56
CA THR B 31 -17.59 -5.88 -20.94
C THR B 31 -17.79 -4.37 -20.82
N GLY B 32 -19.02 -3.93 -21.05
CA GLY B 32 -19.24 -2.50 -21.13
C GLY B 32 -18.65 -1.86 -22.38
N GLY B 33 -18.39 -2.65 -23.42
CA GLY B 33 -17.69 -2.17 -24.58
C GLY B 33 -18.48 -1.28 -25.49
N GLY B 34 -19.78 -1.12 -25.22
CA GLY B 34 -20.61 -0.28 -26.06
C GLY B 34 -20.59 1.21 -25.75
N THR B 35 -20.06 1.61 -24.60
CA THR B 35 -20.10 3.00 -24.19
C THR B 35 -18.79 3.41 -23.55
N GLY B 36 -18.58 4.73 -23.48
CA GLY B 36 -17.53 5.29 -22.62
C GLY B 36 -16.16 4.63 -22.76
N LEU B 37 -15.54 4.35 -21.59
CA LEU B 37 -14.19 3.79 -21.61
C LEU B 37 -14.14 2.48 -22.38
N GLY B 38 -15.16 1.63 -22.20
CA GLY B 38 -15.16 0.36 -22.91
C GLY B 38 -15.17 0.54 -24.42
N LYS B 39 -15.97 1.50 -24.89
CA LYS B 39 -16.01 1.78 -26.32
C LYS B 39 -14.68 2.33 -26.82
N ALA B 40 -14.03 3.19 -26.02
CA ALA B 40 -12.74 3.72 -26.44
C ALA B 40 -11.69 2.62 -26.54
N MET B 41 -11.65 1.71 -25.55
CA MET B 41 -10.70 0.61 -25.60
C MET B 41 -10.98 -0.30 -26.79
N THR B 42 -12.27 -0.61 -27.03
CA THR B 42 -12.63 -1.44 -28.18
C THR B 42 -12.21 -0.76 -29.48
N THR B 43 -12.40 0.56 -29.56
CA THR B 43 -12.05 1.27 -30.79
C THR B 43 -10.57 1.13 -31.08
N PHE B 44 -9.73 1.32 -30.05
CA PHE B 44 -8.29 1.22 -30.26
C PHE B 44 -7.89 -0.22 -30.60
N LEU B 45 -8.46 -1.20 -29.90
CA LEU B 45 -8.14 -2.60 -30.20
C LEU B 45 -8.50 -2.93 -31.65
N SER B 46 -9.68 -2.52 -32.08
CA SER B 46 -10.12 -2.79 -33.45
C SER B 46 -9.23 -2.07 -34.47
N THR B 47 -8.87 -0.82 -34.16
CA THR B 47 -8.02 -0.06 -35.08
C THR B 47 -6.69 -0.77 -35.28
N LEU B 48 -6.17 -1.39 -34.22
CA LEU B 48 -4.90 -2.10 -34.26
C LEU B 48 -5.03 -3.55 -34.74
N GLY B 49 -6.18 -3.96 -35.26
CA GLY B 49 -6.32 -5.25 -35.92
C GLY B 49 -7.06 -6.32 -35.15
N ALA B 50 -7.44 -6.07 -33.90
CA ALA B 50 -8.12 -7.09 -33.13
C ALA B 50 -9.52 -7.35 -33.68
N GLN B 51 -9.99 -8.58 -33.49
CA GLN B 51 -11.39 -8.92 -33.66
C GLN B 51 -12.02 -8.80 -32.27
N CYS B 52 -13.02 -7.94 -32.13
CA CYS B 52 -13.54 -7.61 -30.81
C CYS B 52 -14.95 -8.14 -30.60
N VAL B 53 -15.25 -8.45 -29.35
CA VAL B 53 -16.57 -8.85 -28.92
C VAL B 53 -16.92 -7.98 -27.73
N ILE B 54 -18.05 -7.30 -27.79
CA ILE B 54 -18.49 -6.40 -26.73
C ILE B 54 -19.79 -6.91 -26.14
N ALA B 55 -19.92 -6.79 -24.82
CA ALA B 55 -21.05 -7.37 -24.11
C ALA B 55 -21.50 -6.45 -22.99
N SER B 56 -22.82 -6.25 -22.92
CA SER B 56 -23.48 -5.46 -21.89
C SER B 56 -24.99 -5.72 -22.04
N ARG B 57 -25.79 -4.99 -21.28
CA ARG B 57 -27.23 -5.25 -21.24
C ARG B 57 -27.97 -4.74 -22.47
N ASN B 58 -27.56 -3.62 -23.06
CA ASN B 58 -28.34 -2.95 -24.10
C ASN B 58 -27.85 -3.35 -25.48
N ILE B 59 -28.61 -4.23 -26.15
CA ILE B 59 -28.14 -4.76 -27.42
C ILE B 59 -28.15 -3.71 -28.52
N ASP B 60 -29.08 -2.75 -28.46
CA ASP B 60 -29.11 -1.69 -29.47
C ASP B 60 -27.86 -0.82 -29.39
N VAL B 61 -27.48 -0.41 -28.18
CA VAL B 61 -26.26 0.37 -28.00
C VAL B 61 -25.06 -0.43 -28.48
N LEU B 62 -24.99 -1.71 -28.08
CA LEU B 62 -23.87 -2.55 -28.50
C LEU B 62 -23.80 -2.67 -30.01
N LYS B 63 -24.94 -2.93 -30.66
CA LYS B 63 -24.96 -3.07 -32.12
C LYS B 63 -24.54 -1.78 -32.80
N ALA B 64 -25.04 -0.63 -32.31
CA ALA B 64 -24.67 0.64 -32.91
C ALA B 64 -23.17 0.87 -32.81
N THR B 65 -22.60 0.65 -31.62
CA THR B 65 -21.17 0.85 -31.44
C THR B 65 -20.37 -0.11 -32.30
N ALA B 66 -20.83 -1.37 -32.37
CA ALA B 66 -20.11 -2.36 -33.17
C ALA B 66 -20.07 -1.94 -34.63
N GLU B 67 -21.20 -1.46 -35.16
CA GLU B 67 -21.24 -1.02 -36.54
C GLU B 67 -20.38 0.22 -36.74
N GLU B 68 -20.44 1.15 -35.79
CA GLU B 68 -19.64 2.37 -35.89
C GLU B 68 -18.15 2.05 -35.93
N ILE B 69 -17.68 1.21 -35.02
CA ILE B 69 -16.26 0.90 -34.98
C ILE B 69 -15.84 0.12 -36.22
N SER B 70 -16.56 -0.95 -36.52
CA SER B 70 -16.15 -1.84 -37.61
C SER B 70 -16.16 -1.13 -38.95
N SER B 71 -17.04 -0.15 -39.13
CA SER B 71 -17.08 0.59 -40.39
C SER B 71 -15.89 1.54 -40.52
N LYS B 72 -15.30 1.99 -39.40
CA LYS B 72 -14.09 2.78 -39.49
C LYS B 72 -12.85 1.90 -39.69
N THR B 73 -12.76 0.78 -38.95
CA THR B 73 -11.52 0.01 -38.94
C THR B 73 -11.50 -1.12 -39.95
N GLY B 74 -12.65 -1.54 -40.45
CA GLY B 74 -12.71 -2.71 -41.29
C GLY B 74 -12.56 -4.03 -40.58
N ASN B 75 -12.47 -4.04 -39.25
CA ASN B 75 -12.35 -5.26 -38.49
C ASN B 75 -13.66 -5.51 -37.74
N LYS B 76 -14.01 -6.79 -37.61
CA LYS B 76 -15.31 -7.16 -37.08
C LYS B 76 -15.42 -6.86 -35.61
N VAL B 77 -16.57 -6.35 -35.22
CA VAL B 77 -16.93 -6.20 -33.81
C VAL B 77 -18.26 -6.91 -33.62
N HIS B 78 -18.28 -7.90 -32.72
CA HIS B 78 -19.47 -8.68 -32.44
C HIS B 78 -20.12 -8.13 -31.17
N ALA B 79 -21.45 -8.09 -31.15
CA ALA B 79 -22.19 -7.68 -29.97
C ALA B 79 -22.92 -8.87 -29.37
N ILE B 80 -22.84 -9.00 -28.04
CA ILE B 80 -23.57 -10.02 -27.29
C ILE B 80 -24.25 -9.37 -26.09
N ARG B 81 -25.57 -9.54 -25.97
CA ARG B 81 -26.26 -9.04 -24.78
C ARG B 81 -25.89 -9.92 -23.59
N CYS B 82 -25.53 -9.29 -22.47
CA CYS B 82 -25.21 -10.04 -21.27
C CYS B 82 -25.33 -9.12 -20.06
N ASP B 83 -26.10 -9.56 -19.07
CA ASP B 83 -26.10 -8.93 -17.75
C ASP B 83 -25.09 -9.71 -16.92
N VAL B 84 -23.97 -9.07 -16.58
CA VAL B 84 -22.89 -9.78 -15.91
C VAL B 84 -23.27 -10.24 -14.50
N ARG B 85 -24.38 -9.73 -13.94
CA ARG B 85 -24.89 -10.19 -12.67
C ARG B 85 -25.39 -11.63 -12.73
N ASP B 86 -25.70 -12.14 -13.93
CA ASP B 86 -26.34 -13.42 -14.08
C ASP B 86 -25.32 -14.44 -14.55
N PRO B 87 -24.87 -15.36 -13.69
CA PRO B 87 -23.78 -16.26 -14.10
C PRO B 87 -24.17 -17.20 -15.22
N ASP B 88 -25.45 -17.56 -15.35
CA ASP B 88 -25.86 -18.41 -16.46
C ASP B 88 -25.78 -17.63 -17.77
N MET B 89 -26.16 -16.36 -17.75
CA MET B 89 -26.00 -15.54 -18.95
C MET B 89 -24.52 -15.35 -19.28
N VAL B 90 -23.67 -15.17 -18.27
CA VAL B 90 -22.25 -15.07 -18.52
C VAL B 90 -21.74 -16.34 -19.18
N HIS B 91 -22.15 -17.50 -18.66
CA HIS B 91 -21.74 -18.76 -19.27
C HIS B 91 -22.11 -18.81 -20.75
N ASN B 92 -23.36 -18.48 -21.07
CA ASN B 92 -23.79 -18.54 -22.46
C ASN B 92 -23.08 -17.51 -23.32
N THR B 93 -22.76 -16.34 -22.73
CA THR B 93 -22.05 -15.31 -23.47
C THR B 93 -20.65 -15.76 -23.82
N VAL B 94 -19.97 -16.44 -22.90
CA VAL B 94 -18.63 -16.93 -23.19
C VAL B 94 -18.67 -18.01 -24.26
N LEU B 95 -19.69 -18.86 -24.22
CA LEU B 95 -19.83 -19.86 -25.27
C LEU B 95 -20.00 -19.19 -26.62
N GLU B 96 -20.82 -18.14 -26.68
CA GLU B 96 -21.02 -17.43 -27.94
C GLU B 96 -19.72 -16.75 -28.40
N LEU B 97 -19.01 -16.11 -27.47
CA LEU B 97 -17.71 -15.52 -27.80
C LEU B 97 -16.83 -16.51 -28.53
N ILE B 98 -16.71 -17.72 -27.99
CA ILE B 98 -15.82 -18.72 -28.58
C ILE B 98 -16.35 -19.16 -29.93
N LYS B 99 -17.66 -19.22 -30.08
CA LYS B 99 -18.25 -19.70 -31.33
C LYS B 99 -18.10 -18.67 -32.45
N VAL B 100 -18.29 -17.38 -32.15
CA VAL B 100 -18.35 -16.36 -33.19
C VAL B 100 -16.98 -15.76 -33.50
N ALA B 101 -16.08 -15.73 -32.53
CA ALA B 101 -14.77 -15.13 -32.73
C ALA B 101 -13.64 -16.08 -32.39
N GLY B 102 -13.78 -16.88 -31.33
CA GLY B 102 -12.74 -17.76 -30.87
C GLY B 102 -12.35 -17.43 -29.45
N HIS B 103 -11.43 -18.22 -28.90
CA HIS B 103 -10.97 -17.96 -27.55
C HIS B 103 -10.35 -16.57 -27.47
N PRO B 104 -10.60 -15.82 -26.41
CA PRO B 104 -10.03 -14.48 -26.31
C PRO B 104 -8.56 -14.49 -25.91
N ASP B 105 -7.79 -13.61 -26.55
CA ASP B 105 -6.43 -13.31 -26.13
C ASP B 105 -6.41 -12.16 -25.15
N VAL B 106 -7.48 -11.36 -25.11
CA VAL B 106 -7.56 -10.14 -24.32
C VAL B 106 -8.94 -10.12 -23.69
N VAL B 107 -9.00 -9.89 -22.38
CA VAL B 107 -10.26 -9.79 -21.65
C VAL B 107 -10.23 -8.52 -20.82
N ILE B 108 -11.20 -7.64 -21.04
CA ILE B 108 -11.27 -6.40 -20.28
C ILE B 108 -12.58 -6.36 -19.52
N ASN B 109 -12.48 -6.32 -18.19
CA ASN B 109 -13.64 -6.21 -17.31
C ASN B 109 -13.81 -4.74 -16.96
N ASN B 110 -14.83 -4.13 -17.54
CA ASN B 110 -15.10 -2.71 -17.42
C ASN B 110 -16.54 -2.38 -17.06
N ALA B 111 -17.48 -3.32 -17.20
CA ALA B 111 -18.86 -3.06 -16.81
C ALA B 111 -18.93 -2.67 -15.35
N ALA B 112 -19.72 -1.65 -15.04
CA ALA B 112 -19.80 -1.15 -13.69
C ALA B 112 -21.08 -0.37 -13.50
N GLY B 113 -21.44 -0.15 -12.24
CA GLY B 113 -22.44 0.84 -11.89
C GLY B 113 -21.93 1.62 -10.70
N ASN B 114 -22.49 2.81 -10.50
CA ASN B 114 -22.07 3.69 -9.42
C ASN B 114 -23.09 4.79 -9.23
N PHE B 115 -23.12 5.32 -8.01
CA PHE B 115 -23.81 6.57 -7.71
C PHE B 115 -23.17 7.15 -6.46
N ILE B 116 -23.29 8.46 -6.31
CA ILE B 116 -22.75 9.17 -5.16
C ILE B 116 -23.87 9.32 -4.13
N SER B 117 -23.58 8.97 -2.88
CA SER B 117 -24.58 9.06 -1.82
C SER B 117 -23.91 9.04 -0.46
N PRO B 118 -24.38 9.84 0.49
CA PRO B 118 -24.02 9.55 1.89
C PRO B 118 -24.31 8.09 2.18
N SER B 119 -23.39 7.44 2.88
CA SER B 119 -23.53 6.01 3.13
C SER B 119 -24.75 5.71 3.98
N GLU B 120 -25.15 6.63 4.86
CA GLU B 120 -26.33 6.44 5.69
C GLU B 120 -27.63 6.50 4.91
N ARG B 121 -27.59 6.88 3.64
CA ARG B 121 -28.77 6.85 2.78
C ARG B 121 -28.82 5.63 1.86
N LEU B 122 -27.82 4.76 1.93
CA LEU B 122 -27.82 3.56 1.11
C LEU B 122 -28.87 2.58 1.61
N THR B 123 -29.42 1.84 0.68
CA THR B 123 -30.33 0.74 1.02
C THR B 123 -29.64 -0.58 0.71
N PRO B 124 -30.09 -1.69 1.28
CA PRO B 124 -29.50 -2.98 0.89
C PRO B 124 -29.57 -3.24 -0.59
N ASN B 125 -30.64 -2.79 -1.26
CA ASN B 125 -30.75 -3.02 -2.69
C ASN B 125 -29.72 -2.21 -3.47
N GLY B 126 -29.48 -0.96 -3.08
CA GLY B 126 -28.45 -0.18 -3.74
C GLY B 126 -27.07 -0.76 -3.53
N TRP B 127 -26.80 -1.19 -2.28
CA TRP B 127 -25.56 -1.88 -1.97
C TRP B 127 -25.37 -3.09 -2.90
N LYS B 128 -26.39 -3.94 -2.95
CA LYS B 128 -26.31 -5.17 -3.74
C LYS B 128 -26.12 -4.90 -5.23
N THR B 129 -26.80 -3.88 -5.77
CA THR B 129 -26.67 -3.60 -7.20
C THR B 129 -25.23 -3.33 -7.58
N ILE B 130 -24.55 -2.47 -6.81
CA ILE B 130 -23.17 -2.11 -7.16
C ILE B 130 -22.24 -3.29 -6.97
N THR B 131 -22.34 -3.98 -5.84
CA THR B 131 -21.43 -5.11 -5.60
C THR B 131 -21.70 -6.27 -6.57
N ASP B 132 -22.97 -6.51 -6.91
CA ASP B 132 -23.30 -7.58 -7.85
C ASP B 132 -22.71 -7.31 -9.23
N ILE B 133 -22.88 -6.08 -9.73
CA ILE B 133 -22.41 -5.76 -11.07
C ILE B 133 -20.90 -5.76 -11.12
N VAL B 134 -20.26 -5.04 -10.20
CA VAL B 134 -18.82 -4.81 -10.26
C VAL B 134 -18.05 -6.04 -9.81
N LEU B 135 -18.30 -6.51 -8.60
CA LEU B 135 -17.51 -7.59 -8.02
C LEU B 135 -17.96 -8.94 -8.53
N ASN B 136 -19.24 -9.29 -8.34
CA ASN B 136 -19.68 -10.61 -8.79
C ASN B 136 -19.60 -10.73 -10.30
N GLY B 137 -20.01 -9.68 -11.02
CA GLY B 137 -19.97 -9.73 -12.48
C GLY B 137 -18.58 -9.97 -13.03
N THR B 138 -17.58 -9.23 -12.50
CA THR B 138 -16.21 -9.46 -12.95
C THR B 138 -15.74 -10.86 -12.57
N ALA B 139 -16.13 -11.34 -11.39
CA ALA B 139 -15.73 -12.69 -11.00
C ALA B 139 -16.32 -13.73 -11.95
N TYR B 140 -17.63 -13.60 -12.28
CA TYR B 140 -18.23 -14.59 -13.16
C TYR B 140 -17.57 -14.60 -14.53
N VAL B 141 -17.33 -13.41 -15.09
CA VAL B 141 -16.70 -13.32 -16.40
C VAL B 141 -15.31 -13.95 -16.36
N THR B 142 -14.53 -13.58 -15.36
CA THR B 142 -13.15 -14.05 -15.26
C THR B 142 -13.08 -15.55 -15.02
N LEU B 143 -13.90 -16.07 -14.11
CA LEU B 143 -13.87 -17.50 -13.84
C LEU B 143 -14.35 -18.31 -15.05
N GLU B 144 -15.41 -17.84 -15.72
CA GLU B 144 -15.94 -18.60 -16.85
C GLU B 144 -14.94 -18.63 -17.99
N ILE B 145 -14.36 -17.48 -18.33
CA ILE B 145 -13.35 -17.46 -19.39
C ILE B 145 -12.13 -18.26 -18.97
N GLY B 146 -11.68 -18.09 -17.72
CA GLY B 146 -10.52 -18.84 -17.27
C GLY B 146 -10.69 -20.34 -17.41
N LYS B 147 -11.86 -20.86 -17.00
CA LYS B 147 -12.09 -22.30 -17.13
C LYS B 147 -12.03 -22.74 -18.58
N GLN B 148 -12.60 -21.95 -19.50
CA GLN B 148 -12.53 -22.32 -20.91
C GLN B 148 -11.09 -22.28 -21.43
N LEU B 149 -10.30 -21.30 -20.98
CA LEU B 149 -8.91 -21.23 -21.45
C LEU B 149 -8.08 -22.39 -20.91
N ILE B 150 -8.32 -22.77 -19.66
CA ILE B 150 -7.65 -23.96 -19.12
C ILE B 150 -8.02 -25.19 -19.94
N LYS B 151 -9.28 -25.32 -20.32
CA LYS B 151 -9.67 -26.48 -21.09
C LYS B 151 -9.02 -26.48 -22.47
N ALA B 152 -8.89 -25.31 -23.08
CA ALA B 152 -8.29 -25.20 -24.40
C ALA B 152 -6.77 -25.16 -24.37
N GLN B 153 -6.16 -25.11 -23.16
CA GLN B 153 -4.72 -24.95 -23.04
C GLN B 153 -4.23 -23.68 -23.74
N LYS B 154 -4.98 -22.60 -23.59
CA LYS B 154 -4.62 -21.31 -24.16
C LYS B 154 -4.50 -20.29 -23.04
N GLY B 155 -3.67 -19.28 -23.27
CA GLY B 155 -3.46 -18.19 -22.33
C GLY B 155 -4.15 -16.93 -22.79
N ALA B 156 -4.07 -15.89 -21.96
CA ALA B 156 -4.69 -14.61 -22.27
C ALA B 156 -4.19 -13.55 -21.31
N ALA B 157 -4.41 -12.29 -21.68
CA ALA B 157 -4.14 -11.14 -20.82
C ALA B 157 -5.46 -10.54 -20.40
N PHE B 158 -5.63 -10.38 -19.09
CA PHE B 158 -6.82 -9.82 -18.50
C PHE B 158 -6.51 -8.44 -17.93
N LEU B 159 -7.47 -7.54 -18.04
CA LEU B 159 -7.36 -6.19 -17.50
C LEU B 159 -8.66 -5.82 -16.82
N ALA B 160 -8.56 -5.28 -15.60
CA ALA B 160 -9.72 -4.77 -14.89
C ALA B 160 -9.53 -3.28 -14.68
N ILE B 161 -10.59 -2.51 -14.93
CA ILE B 161 -10.61 -1.08 -14.70
C ILE B 161 -11.22 -0.86 -13.32
N THR B 162 -10.43 -0.36 -12.37
CA THR B 162 -10.98 -0.08 -11.04
C THR B 162 -11.09 1.43 -10.82
N THR B 163 -10.34 1.98 -9.87
CA THR B 163 -10.40 3.39 -9.51
C THR B 163 -9.36 3.63 -8.44
N ILE B 164 -8.84 4.85 -8.34
CA ILE B 164 -7.91 5.18 -7.27
C ILE B 164 -8.55 4.99 -5.89
N TYR B 165 -9.87 5.09 -5.76
CA TYR B 165 -10.47 4.99 -4.42
C TYR B 165 -10.75 3.55 -3.98
N ALA B 166 -10.42 2.56 -4.80
CA ALA B 166 -10.49 1.17 -4.35
C ALA B 166 -9.45 0.90 -3.28
N GLU B 167 -8.22 1.36 -3.50
CA GLU B 167 -7.16 1.14 -2.54
C GLU B 167 -7.24 2.07 -1.33
N SER B 168 -7.70 3.32 -1.51
CA SER B 168 -7.74 4.26 -0.40
C SER B 168 -8.99 4.17 0.44
N GLY B 169 -10.09 3.66 -0.12
CA GLY B 169 -11.40 3.95 0.39
C GLY B 169 -11.85 5.34 -0.05
N SER B 170 -13.17 5.57 -0.03
CA SER B 170 -13.68 6.93 -0.10
C SER B 170 -15.11 6.99 0.42
N GLY B 171 -15.38 7.96 1.28
CA GLY B 171 -16.76 8.31 1.57
C GLY B 171 -17.51 8.64 0.29
N PHE B 172 -18.83 8.40 0.34
CA PHE B 172 -19.81 8.83 -0.67
C PHE B 172 -19.85 7.94 -1.90
N VAL B 173 -18.81 7.15 -2.13
CA VAL B 173 -18.77 6.12 -3.17
C VAL B 173 -18.41 4.79 -2.53
N MET B 174 -18.89 4.56 -1.33
CA MET B 174 -18.40 3.43 -0.54
C MET B 174 -18.73 2.06 -1.13
N PRO B 175 -19.92 1.83 -1.67
CA PRO B 175 -20.16 0.52 -2.32
C PRO B 175 -19.21 0.27 -3.48
N SER B 176 -19.01 1.30 -4.32
CA SER B 176 -18.08 1.18 -5.43
C SER B 176 -16.65 0.92 -4.94
N SER B 177 -16.22 1.66 -3.92
CA SER B 177 -14.89 1.45 -3.36
C SER B 177 -14.72 0.01 -2.91
N SER B 178 -15.72 -0.51 -2.19
CA SER B 178 -15.65 -1.87 -1.67
C SER B 178 -15.61 -2.89 -2.80
N ALA B 179 -16.55 -2.78 -3.75
CA ALA B 179 -16.58 -3.75 -4.85
C ALA B 179 -15.31 -3.69 -5.68
N LYS B 180 -14.85 -2.48 -5.98
CA LYS B 180 -13.67 -2.33 -6.83
C LYS B 180 -12.42 -2.81 -6.12
N SER B 181 -12.33 -2.62 -4.80
CA SER B 181 -11.21 -3.20 -4.07
C SER B 181 -11.24 -4.72 -4.12
N GLY B 182 -12.44 -5.30 -4.04
CA GLY B 182 -12.57 -6.73 -4.24
C GLY B 182 -12.04 -7.19 -5.59
N VAL B 183 -12.35 -6.42 -6.65
CA VAL B 183 -11.81 -6.75 -7.97
C VAL B 183 -10.30 -6.68 -7.99
N GLU B 184 -9.70 -5.72 -7.30
CA GLU B 184 -8.25 -5.66 -7.26
C GLU B 184 -7.66 -6.90 -6.60
N ALA B 185 -8.19 -7.27 -5.42
CA ALA B 185 -7.71 -8.48 -4.75
C ALA B 185 -7.92 -9.72 -5.61
N MET B 186 -9.05 -9.81 -6.29
CA MET B 186 -9.31 -10.92 -7.20
C MET B 186 -8.22 -11.05 -8.24
N ASN B 187 -7.87 -9.93 -8.88
CA ASN B 187 -6.89 -9.96 -9.97
C ASN B 187 -5.48 -10.23 -9.49
N LYS B 188 -5.10 -9.68 -8.34
CA LYS B 188 -3.80 -10.01 -7.76
C LYS B 188 -3.71 -11.48 -7.37
N SER B 189 -4.84 -12.05 -6.90
CA SER B 189 -4.90 -13.48 -6.56
C SER B 189 -4.67 -14.33 -7.80
N LEU B 190 -5.41 -14.03 -8.88
CA LEU B 190 -5.34 -14.88 -10.07
C LEU B 190 -4.04 -14.69 -10.82
N ALA B 191 -3.44 -13.50 -10.76
CA ALA B 191 -2.11 -13.35 -11.33
C ALA B 191 -1.15 -14.32 -10.65
N ALA B 192 -1.25 -14.47 -9.33
CA ALA B 192 -0.37 -15.39 -8.63
C ALA B 192 -0.74 -16.85 -8.84
N GLU B 193 -2.02 -17.16 -8.98
CA GLU B 193 -2.48 -18.54 -9.03
C GLU B 193 -2.42 -19.14 -10.42
N TRP B 194 -2.64 -18.34 -11.45
CA TRP B 194 -2.93 -18.88 -12.78
C TRP B 194 -1.79 -18.66 -13.77
N GLY B 195 -0.60 -18.34 -13.28
CA GLY B 195 0.55 -18.24 -14.18
C GLY B 195 0.78 -19.54 -14.92
N ARG B 196 0.59 -20.67 -14.24
CA ARG B 196 0.81 -21.96 -14.87
C ARG B 196 -0.13 -22.19 -16.02
N TYR B 197 -1.21 -21.42 -16.11
CA TYR B 197 -2.20 -21.56 -17.17
C TYR B 197 -2.07 -20.46 -18.22
N GLY B 198 -1.02 -19.66 -18.16
CA GLY B 198 -0.80 -18.69 -19.21
C GLY B 198 -1.69 -17.48 -19.16
N MET B 199 -2.31 -17.20 -18.01
CA MET B 199 -3.15 -16.02 -17.88
C MET B 199 -2.49 -15.03 -16.95
N ARG B 200 -2.37 -13.77 -17.39
CA ARG B 200 -1.88 -12.68 -16.57
C ARG B 200 -3.00 -11.67 -16.35
N PHE B 201 -2.90 -10.91 -15.26
CA PHE B 201 -3.99 -10.02 -14.82
C PHE B 201 -3.43 -8.71 -14.33
N ASN B 202 -3.92 -7.59 -14.87
CA ASN B 202 -3.47 -6.27 -14.43
C ASN B 202 -4.65 -5.36 -14.17
N ILE B 203 -4.37 -4.27 -13.45
CA ILE B 203 -5.37 -3.32 -12.98
C ILE B 203 -4.95 -1.92 -13.38
N ILE B 204 -5.88 -1.15 -13.95
CA ILE B 204 -5.72 0.30 -14.07
C ILE B 204 -6.66 0.96 -13.08
N GLN B 205 -6.15 1.95 -12.34
CA GLN B 205 -6.89 2.72 -11.35
C GLN B 205 -7.09 4.13 -11.88
N PRO B 206 -8.21 4.44 -12.53
CA PRO B 206 -8.37 5.79 -13.09
C PRO B 206 -8.77 6.81 -12.05
N GLY B 207 -8.30 8.03 -12.27
CA GLY B 207 -8.91 9.23 -11.71
C GLY B 207 -10.01 9.71 -12.65
N PRO B 208 -10.35 10.99 -12.63
CA PRO B 208 -11.52 11.46 -13.41
C PRO B 208 -11.21 11.63 -14.89
N ILE B 209 -12.06 11.05 -15.73
CA ILE B 209 -11.86 11.03 -17.17
C ILE B 209 -13.00 11.78 -17.85
N LYS B 210 -12.64 12.59 -18.84
CA LYS B 210 -13.62 13.40 -19.54
C LYS B 210 -14.57 12.50 -20.34
N GLY B 222 -22.55 19.95 -12.01
CA GLY B 222 -21.27 19.82 -12.69
C GLY B 222 -20.12 20.46 -11.95
N ARG B 223 -20.29 20.67 -10.65
CA ARG B 223 -19.32 21.44 -9.88
C ARG B 223 -18.14 20.63 -9.38
N PHE B 224 -18.26 19.30 -9.23
CA PHE B 224 -17.13 18.55 -8.73
C PHE B 224 -15.96 18.59 -9.72
N GLU B 225 -16.26 18.57 -11.02
CA GLU B 225 -15.22 18.55 -12.04
C GLU B 225 -14.29 19.76 -11.92
N LYS B 226 -14.82 20.93 -11.59
CA LYS B 226 -13.95 22.10 -11.44
C LYS B 226 -13.03 21.94 -10.24
N GLU B 227 -13.62 21.54 -9.10
CA GLU B 227 -12.82 21.35 -7.91
C GLU B 227 -11.81 20.23 -8.13
N MET B 228 -12.19 19.21 -8.89
CA MET B 228 -11.25 18.13 -9.14
C MET B 228 -10.04 18.64 -9.88
N ILE B 229 -10.23 19.51 -10.87
CA ILE B 229 -9.06 20.00 -11.60
C ILE B 229 -8.08 20.68 -10.65
N ASP B 230 -8.59 21.44 -9.67
CA ASP B 230 -7.70 22.07 -8.68
C ASP B 230 -6.94 21.04 -7.83
N ARG B 231 -7.33 19.78 -7.85
CA ARG B 231 -6.66 18.72 -7.08
C ARG B 231 -5.85 17.79 -7.96
N ILE B 232 -5.69 18.14 -9.23
CA ILE B 232 -5.00 17.26 -10.17
C ILE B 232 -3.71 17.95 -10.58
N PRO B 233 -2.55 17.40 -10.23
CA PRO B 233 -1.28 18.05 -10.64
C PRO B 233 -1.16 18.32 -12.13
N CYS B 234 -1.64 17.43 -12.99
CA CYS B 234 -1.57 17.69 -14.44
C CYS B 234 -2.55 18.76 -14.91
N GLY B 235 -3.49 19.18 -14.08
CA GLY B 235 -4.28 20.36 -14.39
C GLY B 235 -5.43 20.17 -15.35
N ARG B 236 -5.89 18.93 -15.53
CA ARG B 236 -6.96 18.62 -16.46
C ARG B 236 -7.48 17.23 -16.13
N LEU B 237 -8.64 16.90 -16.70
CA LEU B 237 -9.15 15.54 -16.66
C LEU B 237 -8.40 14.66 -17.67
N GLY B 238 -8.45 13.36 -17.44
CA GLY B 238 -7.89 12.43 -18.39
C GLY B 238 -8.79 12.25 -19.59
N THR B 239 -8.24 11.70 -20.67
CA THR B 239 -9.03 11.39 -21.85
C THR B 239 -9.17 9.88 -22.03
N MET B 240 -10.27 9.50 -22.68
CA MET B 240 -10.52 8.10 -22.98
C MET B 240 -9.50 7.53 -23.94
N GLU B 241 -8.98 8.36 -24.85
CA GLU B 241 -7.97 7.90 -25.79
C GLU B 241 -6.67 7.56 -25.05
N GLU B 242 -6.28 8.40 -24.09
CA GLU B 242 -5.08 8.11 -23.31
C GLU B 242 -5.26 6.82 -22.52
N LEU B 243 -6.43 6.65 -21.90
CA LEU B 243 -6.71 5.41 -21.18
C LEU B 243 -6.63 4.23 -22.12
N ALA B 244 -7.17 4.37 -23.33
CA ALA B 244 -7.11 3.30 -24.31
C ALA B 244 -5.67 2.96 -24.70
N ASN B 245 -4.78 3.96 -24.82
CA ASN B 245 -3.38 3.66 -25.10
C ASN B 245 -2.76 2.82 -23.99
N LEU B 246 -3.02 3.20 -22.73
CA LEU B 246 -2.49 2.44 -21.61
C LEU B 246 -3.05 1.02 -21.59
N ALA B 247 -4.37 0.89 -21.81
CA ALA B 247 -5.01 -0.42 -21.76
C ALA B 247 -4.50 -1.31 -22.89
N THR B 248 -4.42 -0.78 -24.12
CA THR B 248 -3.93 -1.61 -25.22
C THR B 248 -2.49 -2.04 -24.98
N PHE B 249 -1.65 -1.15 -24.43
CA PHE B 249 -0.30 -1.58 -24.09
C PHE B 249 -0.32 -2.76 -23.12
N LEU B 250 -1.07 -2.62 -22.03
CA LEU B 250 -1.05 -3.67 -21.01
C LEU B 250 -1.62 -4.99 -21.52
N CYS B 251 -2.51 -4.93 -22.52
CA CYS B 251 -3.10 -6.12 -23.10
C CYS B 251 -2.32 -6.65 -24.30
N SER B 252 -1.22 -6.02 -24.65
CA SER B 252 -0.41 -6.39 -25.81
C SER B 252 0.74 -7.29 -25.39
N ASP B 253 1.32 -7.96 -26.39
CA ASP B 253 2.46 -8.83 -26.12
C ASP B 253 3.70 -8.06 -25.71
N TYR B 254 3.74 -6.73 -25.90
CA TYR B 254 4.86 -5.95 -25.39
C TYR B 254 4.87 -5.91 -23.86
N ALA B 255 3.73 -6.25 -23.25
CA ALA B 255 3.57 -6.28 -21.80
C ALA B 255 3.45 -7.70 -21.25
N SER B 256 4.01 -8.68 -21.96
CA SER B 256 3.83 -10.08 -21.59
C SER B 256 4.47 -10.44 -20.25
N TRP B 257 5.34 -9.60 -19.70
CA TRP B 257 5.94 -9.80 -18.38
C TRP B 257 5.35 -8.87 -17.34
N ILE B 258 4.27 -8.15 -17.67
CA ILE B 258 3.58 -7.29 -16.71
C ILE B 258 2.37 -8.06 -16.23
N ASN B 259 2.34 -8.34 -14.94
CA ASN B 259 1.37 -9.27 -14.36
C ASN B 259 1.23 -8.95 -12.89
N GLY B 260 0.00 -8.85 -12.44
CA GLY B 260 -0.26 -8.46 -11.06
C GLY B 260 -0.05 -7.00 -10.77
N ALA B 261 0.12 -6.17 -11.80
CA ALA B 261 0.44 -4.77 -11.63
C ALA B 261 -0.82 -3.94 -11.44
N VAL B 262 -0.66 -2.87 -10.67
CA VAL B 262 -1.69 -1.87 -10.46
C VAL B 262 -1.12 -0.54 -10.92
N ILE B 263 -1.82 0.15 -11.79
CA ILE B 263 -1.28 1.36 -12.40
C ILE B 263 -2.27 2.49 -12.21
N ARG B 264 -1.87 3.53 -11.48
CA ARG B 264 -2.69 4.73 -11.38
C ARG B 264 -2.62 5.52 -12.66
N PHE B 265 -3.78 5.89 -13.17
CA PHE B 265 -3.95 6.72 -14.37
C PHE B 265 -4.83 7.87 -13.88
N ASP B 266 -4.19 8.94 -13.35
CA ASP B 266 -4.96 9.92 -12.58
C ASP B 266 -4.40 11.33 -12.60
N GLY B 267 -3.43 11.63 -13.47
CA GLY B 267 -2.88 12.96 -13.51
C GLY B 267 -2.16 13.38 -12.26
N GLY B 268 -1.85 12.45 -11.38
CA GLY B 268 -1.27 12.75 -10.08
C GLY B 268 -2.27 12.98 -8.97
N GLU B 269 -3.56 12.78 -9.24
CA GLU B 269 -4.58 13.11 -8.25
C GLU B 269 -4.33 12.39 -6.92
N GLU B 270 -4.06 11.09 -6.95
CA GLU B 270 -4.01 10.36 -5.68
C GLU B 270 -2.84 10.80 -4.81
N VAL B 271 -1.66 10.99 -5.41
CA VAL B 271 -0.54 11.46 -4.61
C VAL B 271 -0.81 12.86 -4.07
N PHE B 272 -1.49 13.72 -4.86
CA PHE B 272 -1.83 15.03 -4.35
C PHE B 272 -2.79 14.93 -3.16
N LEU B 273 -3.87 14.17 -3.33
CA LEU B 273 -4.85 14.01 -2.26
C LEU B 273 -4.21 13.48 -0.98
N SER B 274 -3.34 12.48 -1.12
CA SER B 274 -2.91 11.69 0.02
C SER B 274 -1.84 12.36 0.86
N GLY B 275 -1.15 13.37 0.34
CA GLY B 275 -0.01 13.93 1.05
C GLY B 275 -0.41 15.03 2.04
N GLU B 276 0.02 14.87 3.29
CA GLU B 276 -0.47 15.69 4.39
C GLU B 276 -0.28 17.18 4.17
N PHE B 277 0.82 17.60 3.53
CA PHE B 277 1.11 19.02 3.38
C PHE B 277 0.92 19.54 1.96
N ASN B 278 0.28 18.78 1.09
CA ASN B 278 0.16 19.23 -0.29
C ASN B 278 -0.72 20.46 -0.44
N SER B 279 -1.61 20.72 0.52
CA SER B 279 -2.44 21.92 0.47
C SER B 279 -1.61 23.20 0.55
N LEU B 280 -0.35 23.11 0.97
CA LEU B 280 0.51 24.29 1.03
C LEU B 280 0.87 24.81 -0.36
N LYS B 281 0.37 24.17 -1.41
CA LYS B 281 0.49 24.77 -2.74
C LYS B 281 -0.06 26.20 -2.77
N LYS B 282 -1.00 26.53 -1.89
CA LYS B 282 -1.61 27.85 -1.92
C LYS B 282 -0.73 28.94 -1.31
N VAL B 283 0.34 28.57 -0.60
CA VAL B 283 1.22 29.54 0.02
C VAL B 283 1.99 30.28 -1.07
N THR B 284 2.04 31.62 -0.94
CA THR B 284 2.65 32.43 -1.96
C THR B 284 4.17 32.53 -1.73
N LYS B 285 4.85 32.96 -2.79
CA LYS B 285 6.27 33.26 -2.69
C LYS B 285 6.57 34.19 -1.52
N GLU B 286 5.79 35.27 -1.37
CA GLU B 286 6.06 36.22 -0.30
C GLU B 286 5.83 35.58 1.06
N GLU B 287 4.81 34.73 1.17
CA GLU B 287 4.57 34.03 2.42
C GLU B 287 5.71 33.06 2.73
N TRP B 288 6.30 32.43 1.71
CA TRP B 288 7.42 31.53 1.95
C TRP B 288 8.64 32.29 2.44
N ASP B 289 8.90 33.48 1.88
CA ASP B 289 10.00 34.32 2.36
C ASP B 289 9.88 34.58 3.86
N ILE B 290 8.67 34.92 4.31
CA ILE B 290 8.44 35.15 5.74
C ILE B 290 8.72 33.89 6.53
N ILE B 291 8.12 32.77 6.10
CA ILE B 291 8.28 31.50 6.83
C ILE B 291 9.75 31.12 6.98
N GLU B 292 10.58 31.51 6.01
CA GLU B 292 12.00 31.18 6.04
C GLU B 292 12.72 31.95 7.15
N SER C 1 7.17 -28.62 20.88
CA SER C 1 6.16 -28.44 19.84
C SER C 1 6.82 -28.19 18.50
N LYS C 2 6.10 -27.52 17.61
CA LYS C 2 6.58 -27.19 16.28
C LYS C 2 7.16 -25.79 16.19
N ASP C 3 7.21 -25.07 17.31
CA ASP C 3 7.71 -23.70 17.29
C ASP C 3 9.22 -23.70 17.04
N ALA C 4 9.68 -22.62 16.40
CA ALA C 4 11.10 -22.47 16.07
C ALA C 4 11.82 -21.84 17.24
N PRO C 5 13.16 -21.94 17.26
CA PRO C 5 13.90 -21.53 18.46
C PRO C 5 13.73 -20.08 18.85
N GLN C 6 13.54 -19.17 17.88
CA GLN C 6 13.41 -17.76 18.22
C GLN C 6 12.10 -17.48 18.94
N SER C 7 11.16 -18.44 18.95
CA SER C 7 9.92 -18.21 19.68
C SER C 7 10.16 -18.01 21.17
N LYS C 8 11.32 -18.42 21.70
CA LYS C 8 11.63 -18.15 23.11
C LYS C 8 11.66 -16.66 23.39
N PHE C 9 11.94 -15.85 22.38
CA PHE C 9 12.03 -14.41 22.54
C PHE C 9 10.70 -13.71 22.34
N PHE C 10 9.65 -14.43 21.97
CA PHE C 10 8.36 -13.88 21.63
C PHE C 10 7.23 -14.62 22.34
N GLN C 11 7.41 -14.94 23.60
CA GLN C 11 6.41 -15.74 24.29
C GLN C 11 5.09 -15.01 24.40
N PRO C 12 3.97 -15.69 24.23
CA PRO C 12 2.68 -15.01 24.32
C PRO C 12 2.31 -14.73 25.77
N VAL C 13 1.63 -13.59 25.95
CA VAL C 13 0.99 -13.22 27.21
C VAL C 13 -0.50 -13.36 26.96
N LEU C 14 -1.15 -14.21 27.75
CA LEU C 14 -2.54 -14.59 27.51
C LEU C 14 -3.53 -13.83 28.38
N LYS C 15 -3.08 -13.08 29.29
CA LYS C 15 -4.01 -12.41 30.18
C LYS C 15 -4.45 -11.06 29.64
N PRO C 16 -5.66 -10.63 29.94
CA PRO C 16 -6.10 -9.30 29.50
C PRO C 16 -5.18 -8.22 30.02
N MET C 17 -4.84 -7.28 29.13
CA MET C 17 -3.87 -6.25 29.46
C MET C 17 -4.50 -4.97 29.98
N LEU C 18 -5.75 -4.67 29.60
CA LEU C 18 -6.35 -3.41 29.99
C LEU C 18 -6.83 -3.45 31.42
N PRO C 19 -7.11 -2.29 32.02
CA PRO C 19 -7.51 -2.28 33.42
C PRO C 19 -8.84 -3.03 33.61
N PRO C 20 -9.07 -3.57 34.81
CA PRO C 20 -10.19 -4.52 34.96
C PRO C 20 -11.57 -3.94 34.72
N ASP C 21 -11.74 -2.62 34.76
CA ASP C 21 -13.05 -2.03 34.52
C ASP C 21 -13.07 -1.19 33.23
N ALA C 22 -12.16 -1.47 32.30
CA ALA C 22 -11.97 -0.60 31.15
C ALA C 22 -13.21 -0.50 30.25
N PHE C 23 -14.09 -1.49 30.30
CA PHE C 23 -15.32 -1.43 29.52
C PHE C 23 -16.56 -1.37 30.39
N GLN C 24 -16.41 -0.99 31.66
CA GLN C 24 -17.57 -0.83 32.51
C GLN C 24 -18.55 0.16 31.87
N GLY C 25 -19.82 -0.21 31.82
CA GLY C 25 -20.85 0.65 31.26
C GLY C 25 -20.97 0.62 29.76
N LYS C 26 -20.12 -0.13 29.07
CA LYS C 26 -20.12 -0.17 27.63
C LYS C 26 -20.88 -1.38 27.12
N VAL C 27 -21.43 -1.25 25.91
CA VAL C 27 -22.14 -2.32 25.22
C VAL C 27 -21.33 -2.68 23.98
N ALA C 28 -21.14 -3.98 23.74
CA ALA C 28 -20.39 -4.46 22.58
C ALA C 28 -21.23 -5.48 21.81
N PHE C 29 -21.19 -5.40 20.48
CA PHE C 29 -21.90 -6.30 19.56
C PHE C 29 -20.84 -6.99 18.71
N ILE C 30 -20.83 -8.33 18.70
CA ILE C 30 -19.81 -9.12 18.01
C ILE C 30 -20.48 -10.15 17.10
N THR C 31 -20.28 -10.02 15.79
CA THR C 31 -20.77 -11.03 14.86
C THR C 31 -19.78 -12.18 14.85
N GLY C 32 -20.29 -13.39 14.79
CA GLY C 32 -19.46 -14.55 15.00
C GLY C 32 -18.93 -14.68 16.40
N GLY C 33 -19.60 -14.06 17.38
CA GLY C 33 -19.14 -14.04 18.75
C GLY C 33 -19.22 -15.37 19.49
N GLY C 34 -19.85 -16.37 18.88
CA GLY C 34 -20.00 -17.67 19.54
C GLY C 34 -18.83 -18.61 19.44
N THR C 35 -17.88 -18.35 18.54
CA THR C 35 -16.80 -19.28 18.27
C THR C 35 -15.48 -18.55 18.03
N GLY C 36 -14.40 -19.28 18.17
CA GLY C 36 -13.11 -18.82 17.67
C GLY C 36 -12.73 -17.42 18.14
N LEU C 37 -12.24 -16.61 17.20
CA LEU C 37 -11.76 -15.27 17.56
C LEU C 37 -12.89 -14.43 18.13
N GLY C 38 -14.10 -14.56 17.58
CA GLY C 38 -15.21 -13.80 18.11
C GLY C 38 -15.49 -14.11 19.57
N LYS C 39 -15.42 -15.39 19.93
CA LYS C 39 -15.61 -15.80 21.32
C LYS C 39 -14.49 -15.27 22.21
N ALA C 40 -13.25 -15.30 21.71
CA ALA C 40 -12.15 -14.78 22.51
C ALA C 40 -12.29 -13.28 22.74
N MET C 41 -12.65 -12.53 21.70
CA MET C 41 -12.85 -11.10 21.87
C MET C 41 -14.00 -10.82 22.83
N THR C 42 -15.13 -11.53 22.68
CA THR C 42 -16.26 -11.35 23.60
C THR C 42 -15.83 -11.67 25.03
N THR C 43 -15.05 -12.73 25.22
CA THR C 43 -14.61 -13.10 26.56
C THR C 43 -13.82 -11.98 27.21
N PHE C 44 -12.86 -11.39 26.49
CA PHE C 44 -12.07 -10.31 27.06
C PHE C 44 -12.94 -9.08 27.34
N LEU C 45 -13.81 -8.70 26.40
CA LEU C 45 -14.69 -7.56 26.61
C LEU C 45 -15.54 -7.75 27.87
N SER C 46 -16.14 -8.94 28.00
CA SER C 46 -16.95 -9.25 29.18
C SER C 46 -16.11 -9.26 30.45
N THR C 47 -14.90 -9.82 30.40
CA THR C 47 -14.03 -9.81 31.56
C THR C 47 -13.77 -8.38 32.03
N LEU C 48 -13.64 -7.43 31.10
CA LEU C 48 -13.32 -6.05 31.38
C LEU C 48 -14.53 -5.17 31.65
N GLY C 49 -15.73 -5.76 31.80
CA GLY C 49 -16.90 -5.05 32.26
C GLY C 49 -17.97 -4.80 31.21
N ALA C 50 -17.72 -5.12 29.94
CA ALA C 50 -18.70 -4.82 28.91
C ALA C 50 -19.92 -5.71 29.05
N GLN C 51 -21.08 -5.18 28.63
CA GLN C 51 -22.28 -5.97 28.38
C GLN C 51 -22.22 -6.34 26.92
N CYS C 52 -22.16 -7.63 26.61
CA CYS C 52 -21.96 -8.06 25.24
C CYS C 52 -23.21 -8.69 24.63
N VAL C 53 -23.29 -8.56 23.31
CA VAL C 53 -24.31 -9.19 22.49
C VAL C 53 -23.59 -9.89 21.35
N ILE C 54 -23.86 -11.18 21.18
CA ILE C 54 -23.23 -11.97 20.12
C ILE C 54 -24.31 -12.47 19.16
N ALA C 55 -23.97 -12.49 17.86
CA ALA C 55 -24.92 -12.84 16.81
C ALA C 55 -24.26 -13.69 15.75
N SER C 56 -24.93 -14.76 15.34
CA SER C 56 -24.52 -15.63 14.25
C SER C 56 -25.68 -16.57 13.96
N ARG C 57 -25.47 -17.56 13.08
CA ARG C 57 -26.58 -18.40 12.64
C ARG C 57 -27.02 -19.44 13.66
N ASN C 58 -26.10 -20.00 14.45
CA ASN C 58 -26.38 -21.16 15.27
C ASN C 58 -26.71 -20.72 16.68
N ILE C 59 -28.00 -20.69 16.99
CA ILE C 59 -28.43 -20.17 18.28
C ILE C 59 -27.98 -21.06 19.44
N ASP C 60 -27.84 -22.37 19.19
CA ASP C 60 -27.42 -23.26 20.26
C ASP C 60 -25.98 -22.96 20.66
N VAL C 61 -25.10 -22.76 19.68
CA VAL C 61 -23.71 -22.41 19.98
C VAL C 61 -23.65 -21.06 20.68
N LEU C 62 -24.40 -20.07 20.16
CA LEU C 62 -24.37 -18.75 20.76
C LEU C 62 -24.83 -18.77 22.21
N LYS C 63 -25.92 -19.50 22.49
CA LYS C 63 -26.41 -19.52 23.86
C LYS C 63 -25.44 -20.23 24.79
N ALA C 64 -24.79 -21.30 24.30
CA ALA C 64 -23.80 -21.99 25.12
C ALA C 64 -22.61 -21.09 25.40
N THR C 65 -22.10 -20.40 24.38
CA THR C 65 -20.98 -19.48 24.61
C THR C 65 -21.40 -18.35 25.53
N ALA C 66 -22.60 -17.81 25.35
CA ALA C 66 -23.04 -16.72 26.21
C ALA C 66 -23.11 -17.15 27.67
N GLU C 67 -23.67 -18.33 27.96
CA GLU C 67 -23.74 -18.78 29.34
C GLU C 67 -22.34 -19.03 29.89
N GLU C 68 -21.46 -19.61 29.08
CA GLU C 68 -20.11 -19.90 29.54
C GLU C 68 -19.37 -18.62 29.92
N ILE C 69 -19.44 -17.60 29.07
CA ILE C 69 -18.73 -16.36 29.36
C ILE C 69 -19.33 -15.66 30.56
N SER C 70 -20.65 -15.50 30.59
CA SER C 70 -21.26 -14.73 31.66
C SER C 70 -21.12 -15.43 33.01
N SER C 71 -21.10 -16.76 33.02
CA SER C 71 -20.85 -17.50 34.25
C SER C 71 -19.49 -17.17 34.84
N LYS C 72 -18.53 -16.90 33.97
CA LYS C 72 -17.14 -16.67 34.35
C LYS C 72 -16.90 -15.22 34.76
N THR C 73 -17.58 -14.27 34.11
CA THR C 73 -17.32 -12.86 34.36
C THR C 73 -18.37 -12.17 35.22
N GLY C 74 -19.57 -12.74 35.33
CA GLY C 74 -20.66 -12.07 36.03
C GLY C 74 -21.33 -10.97 35.24
N ASN C 75 -20.95 -10.76 33.98
CA ASN C 75 -21.56 -9.74 33.15
C ASN C 75 -22.38 -10.38 32.04
N LYS C 76 -23.50 -9.74 31.72
CA LYS C 76 -24.45 -10.32 30.80
C LYS C 76 -23.88 -10.47 29.39
N VAL C 77 -24.16 -11.62 28.78
CA VAL C 77 -23.91 -11.85 27.37
C VAL C 77 -25.22 -12.33 26.75
N HIS C 78 -25.72 -11.56 25.78
CA HIS C 78 -26.98 -11.83 25.10
C HIS C 78 -26.67 -12.49 23.75
N ALA C 79 -27.47 -13.49 23.39
CA ALA C 79 -27.36 -14.15 22.10
C ALA C 79 -28.55 -13.75 21.24
N ILE C 80 -28.27 -13.36 19.99
CA ILE C 80 -29.30 -13.09 18.99
C ILE C 80 -28.96 -13.87 17.73
N ARG C 81 -29.87 -14.71 17.27
CA ARG C 81 -29.63 -15.43 16.02
C ARG C 81 -29.72 -14.48 14.84
N CYS C 82 -28.74 -14.56 13.94
CA CYS C 82 -28.73 -13.69 12.77
C CYS C 82 -27.83 -14.29 11.69
N ASP C 83 -28.39 -14.45 10.50
CA ASP C 83 -27.63 -14.69 9.29
C ASP C 83 -27.33 -13.33 8.68
N VAL C 84 -26.06 -12.93 8.70
CA VAL C 84 -25.72 -11.58 8.22
C VAL C 84 -25.95 -11.41 6.73
N ARG C 85 -26.17 -12.49 5.96
CA ARG C 85 -26.53 -12.36 4.55
C ARG C 85 -27.89 -11.72 4.34
N ASP C 86 -28.76 -11.76 5.36
CA ASP C 86 -30.15 -11.36 5.24
C ASP C 86 -30.30 -9.95 5.79
N PRO C 87 -30.40 -8.92 4.95
CA PRO C 87 -30.44 -7.54 5.48
C PRO C 87 -31.64 -7.27 6.36
N ASP C 88 -32.76 -7.96 6.12
CA ASP C 88 -33.92 -7.75 6.98
C ASP C 88 -33.70 -8.34 8.35
N MET C 89 -33.06 -9.52 8.41
CA MET C 89 -32.72 -10.11 9.69
C MET C 89 -31.72 -9.24 10.44
N VAL C 90 -30.76 -8.64 9.72
CA VAL C 90 -29.80 -7.75 10.35
C VAL C 90 -30.52 -6.56 10.97
N HIS C 91 -31.45 -5.96 10.22
CA HIS C 91 -32.21 -4.83 10.77
C HIS C 91 -32.90 -5.22 12.07
N ASN C 92 -33.59 -6.37 12.09
CA ASN C 92 -34.28 -6.78 13.30
C ASN C 92 -33.30 -7.04 14.43
N THR C 93 -32.14 -7.64 14.10
CA THR C 93 -31.13 -7.96 15.09
C THR C 93 -30.60 -6.70 15.75
N VAL C 94 -30.35 -5.65 14.96
CA VAL C 94 -29.89 -4.38 15.52
C VAL C 94 -30.96 -3.76 16.42
N LEU C 95 -32.24 -3.82 16.01
CA LEU C 95 -33.30 -3.34 16.89
C LEU C 95 -33.31 -4.12 18.20
N GLU C 96 -33.13 -5.43 18.12
CA GLU C 96 -33.13 -6.24 19.34
C GLU C 96 -31.92 -5.90 20.21
N LEU C 97 -30.75 -5.70 19.62
CA LEU C 97 -29.57 -5.27 20.35
C LEU C 97 -29.87 -4.01 21.17
N ILE C 98 -30.50 -3.02 20.53
CA ILE C 98 -30.80 -1.77 21.21
C ILE C 98 -31.81 -1.99 22.32
N LYS C 99 -32.74 -2.92 22.15
CA LYS C 99 -33.76 -3.15 23.16
C LYS C 99 -33.20 -3.91 24.36
N VAL C 100 -32.40 -4.95 24.12
CA VAL C 100 -31.97 -5.80 25.22
C VAL C 100 -30.75 -5.24 25.96
N ALA C 101 -29.88 -4.48 25.28
CA ALA C 101 -28.67 -3.98 25.91
C ALA C 101 -28.47 -2.49 25.74
N GLY C 102 -28.85 -1.95 24.59
CA GLY C 102 -28.66 -0.54 24.29
C GLY C 102 -27.84 -0.36 23.02
N HIS C 103 -27.74 0.90 22.62
CA HIS C 103 -26.87 1.20 21.49
C HIS C 103 -25.45 0.74 21.77
N PRO C 104 -24.76 0.16 20.80
CA PRO C 104 -23.43 -0.37 21.07
C PRO C 104 -22.38 0.73 21.05
N ASP C 105 -21.43 0.63 21.98
CA ASP C 105 -20.23 1.46 21.94
C ASP C 105 -19.10 0.80 21.15
N VAL C 106 -19.18 -0.50 20.94
CA VAL C 106 -18.17 -1.32 20.30
C VAL C 106 -18.90 -2.23 19.33
N VAL C 107 -18.44 -2.30 18.08
CA VAL C 107 -19.02 -3.18 17.07
C VAL C 107 -17.86 -3.94 16.42
N ILE C 108 -17.92 -5.27 16.46
CA ILE C 108 -16.87 -6.10 15.88
C ILE C 108 -17.49 -7.00 14.84
N ASN C 109 -17.09 -6.82 13.59
CA ASN C 109 -17.55 -7.64 12.48
C ASN C 109 -16.50 -8.73 12.25
N ASN C 110 -16.85 -9.95 12.64
CA ASN C 110 -15.96 -11.10 12.52
C ASN C 110 -16.57 -12.28 11.77
N ALA C 111 -17.89 -12.32 11.56
CA ALA C 111 -18.51 -13.44 10.87
C ALA C 111 -17.92 -13.60 9.48
N ALA C 112 -17.56 -14.84 9.13
CA ALA C 112 -16.90 -15.08 7.87
C ALA C 112 -17.11 -16.53 7.47
N GLY C 113 -16.94 -16.79 6.19
CA GLY C 113 -16.83 -18.14 5.70
C GLY C 113 -15.64 -18.21 4.76
N ASN C 114 -15.09 -19.40 4.64
CA ASN C 114 -13.91 -19.57 3.81
C ASN C 114 -13.74 -21.05 3.51
N PHE C 115 -13.16 -21.31 2.34
CA PHE C 115 -12.69 -22.63 2.00
C PHE C 115 -11.56 -22.44 1.00
N ILE C 116 -10.63 -23.34 1.04
CA ILE C 116 -9.44 -23.30 0.20
C ILE C 116 -9.76 -24.13 -1.02
N SER C 117 -9.52 -23.56 -2.20
CA SER C 117 -9.86 -24.23 -3.45
C SER C 117 -9.08 -23.62 -4.60
N PRO C 118 -8.57 -24.41 -5.54
CA PRO C 118 -8.19 -23.81 -6.83
C PRO C 118 -9.35 -22.97 -7.34
N SER C 119 -9.04 -21.80 -7.86
CA SER C 119 -10.09 -20.89 -8.30
C SER C 119 -10.89 -21.47 -9.47
N GLU C 120 -10.26 -22.31 -10.30
CA GLU C 120 -10.98 -22.91 -11.41
C GLU C 120 -11.99 -23.96 -10.98
N ARG C 121 -11.99 -24.36 -9.70
CA ARG C 121 -13.00 -25.28 -9.18
C ARG C 121 -14.14 -24.57 -8.51
N LEU C 122 -14.08 -23.25 -8.37
CA LEU C 122 -15.16 -22.50 -7.75
C LEU C 122 -16.38 -22.50 -8.65
N THR C 123 -17.52 -22.58 -8.04
CA THR C 123 -18.76 -22.39 -8.77
C THR C 123 -19.29 -20.99 -8.50
N PRO C 124 -20.13 -20.46 -9.39
CA PRO C 124 -20.74 -19.16 -9.10
C PRO C 124 -21.44 -19.10 -7.75
N ASN C 125 -22.05 -20.20 -7.31
CA ASN C 125 -22.74 -20.22 -6.01
C ASN C 125 -21.75 -20.19 -4.86
N GLY C 126 -20.64 -20.91 -4.97
CA GLY C 126 -19.63 -20.84 -3.93
C GLY C 126 -19.04 -19.47 -3.83
N TRP C 127 -18.76 -18.84 -4.98
CA TRP C 127 -18.31 -17.46 -5.01
C TRP C 127 -19.31 -16.56 -4.27
N LYS C 128 -20.59 -16.67 -4.61
CA LYS C 128 -21.56 -15.73 -4.08
C LYS C 128 -21.77 -15.94 -2.60
N THR C 129 -21.63 -17.17 -2.11
CA THR C 129 -21.80 -17.43 -0.68
C THR C 129 -20.77 -16.67 0.13
N ILE C 130 -19.51 -16.71 -0.30
CA ILE C 130 -18.46 -16.07 0.46
C ILE C 130 -18.60 -14.55 0.42
N THR C 131 -18.85 -13.99 -0.78
CA THR C 131 -18.97 -12.55 -0.87
C THR C 131 -20.23 -12.06 -0.16
N ASP C 132 -21.33 -12.84 -0.22
CA ASP C 132 -22.55 -12.46 0.49
CA ASP C 132 -22.55 -12.44 0.49
C ASP C 132 -22.30 -12.39 2.00
N ILE C 133 -21.63 -13.40 2.54
CA ILE C 133 -21.46 -13.46 3.99
C ILE C 133 -20.46 -12.41 4.46
N VAL C 134 -19.29 -12.38 3.82
CA VAL C 134 -18.21 -11.54 4.31
C VAL C 134 -18.44 -10.08 3.97
N LEU C 135 -18.67 -9.79 2.69
CA LEU C 135 -18.75 -8.41 2.27
C LEU C 135 -20.15 -7.85 2.52
N ASN C 136 -21.17 -8.46 1.93
CA ASN C 136 -22.50 -7.90 2.11
C ASN C 136 -22.91 -7.95 3.58
N GLY C 137 -22.60 -9.05 4.28
CA GLY C 137 -23.01 -9.15 5.68
C GLY C 137 -22.39 -8.08 6.54
N THR C 138 -21.09 -7.84 6.37
CA THR C 138 -20.44 -6.78 7.14
C THR C 138 -21.03 -5.43 6.76
N ALA C 139 -21.32 -5.21 5.47
CA ALA C 139 -21.94 -3.96 5.06
C ALA C 139 -23.30 -3.77 5.73
N TYR C 140 -24.15 -4.81 5.73
CA TYR C 140 -25.48 -4.64 6.30
C TYR C 140 -25.41 -4.33 7.79
N VAL C 141 -24.57 -5.06 8.53
CA VAL C 141 -24.43 -4.82 9.96
C VAL C 141 -23.93 -3.40 10.20
N THR C 142 -22.89 -3.01 9.47
CA THR C 142 -22.26 -1.70 9.70
C THR C 142 -23.22 -0.56 9.37
N LEU C 143 -23.87 -0.64 8.21
CA LEU C 143 -24.81 0.42 7.81
C LEU C 143 -26.03 0.49 8.74
N GLU C 144 -26.59 -0.67 9.12
CA GLU C 144 -27.75 -0.65 9.99
C GLU C 144 -27.43 -0.05 11.35
N ILE C 145 -26.31 -0.46 11.95
CA ILE C 145 -25.92 0.11 13.22
C ILE C 145 -25.62 1.59 13.06
N GLY C 146 -24.89 1.94 12.01
CA GLY C 146 -24.57 3.35 11.78
C GLY C 146 -25.81 4.22 11.68
N LYS C 147 -26.81 3.78 10.92
CA LYS C 147 -28.04 4.56 10.82
C LYS C 147 -28.69 4.76 12.17
N GLN C 148 -28.67 3.74 13.02
CA GLN C 148 -29.27 3.88 14.33
C GLN C 148 -28.46 4.81 15.22
N LEU C 149 -27.12 4.75 15.12
CA LEU C 149 -26.30 5.66 15.93
C LEU C 149 -26.48 7.10 15.47
N ILE C 150 -26.61 7.33 14.18
CA ILE C 150 -26.86 8.69 13.68
C ILE C 150 -28.18 9.21 14.23
N LYS C 151 -29.22 8.37 14.21
CA LYS C 151 -30.52 8.75 14.73
C LYS C 151 -30.43 9.08 16.21
N ALA C 152 -29.62 8.34 16.95
CA ALA C 152 -29.50 8.53 18.39
C ALA C 152 -28.49 9.60 18.76
N GLN C 153 -27.73 10.11 17.79
CA GLN C 153 -26.66 11.07 18.04
C GLN C 153 -25.63 10.49 19.01
N LYS C 154 -25.30 9.22 18.81
CA LYS C 154 -24.30 8.51 19.60
C LYS C 154 -23.19 8.02 18.68
N GLY C 155 -21.98 7.88 19.24
CA GLY C 155 -20.84 7.36 18.51
C GLY C 155 -20.50 5.95 18.91
N ALA C 156 -19.46 5.40 18.26
CA ALA C 156 -19.02 4.04 18.55
C ALA C 156 -17.70 3.78 17.85
N ALA C 157 -17.00 2.74 18.32
CA ALA C 157 -15.79 2.22 17.68
C ALA C 157 -16.11 0.90 17.00
N PHE C 158 -15.79 0.82 15.72
CA PHE C 158 -15.99 -0.36 14.91
C PHE C 158 -14.64 -0.99 14.62
N LEU C 159 -14.64 -2.32 14.56
CA LEU C 159 -13.48 -3.11 14.23
C LEU C 159 -13.90 -4.21 13.27
N ALA C 160 -13.14 -4.38 12.20
CA ALA C 160 -13.33 -5.51 11.30
C ALA C 160 -12.08 -6.37 11.30
N ILE C 161 -12.28 -7.68 11.36
CA ILE C 161 -11.21 -8.65 11.28
C ILE C 161 -11.13 -9.10 9.83
N THR C 162 -10.02 -8.82 9.16
CA THR C 162 -9.87 -9.27 7.78
C THR C 162 -8.79 -10.35 7.73
N THR C 163 -7.67 -10.09 7.06
CA THR C 163 -6.58 -11.04 6.88
C THR C 163 -5.47 -10.33 6.13
N ILE C 164 -4.23 -10.77 6.33
CA ILE C 164 -3.14 -10.24 5.53
C ILE C 164 -3.38 -10.43 4.03
N TYR C 165 -4.11 -11.44 3.61
CA TYR C 165 -4.24 -11.67 2.16
C TYR C 165 -5.35 -10.83 1.52
N ALA C 166 -6.09 -10.05 2.30
CA ALA C 166 -7.03 -9.08 1.71
C ALA C 166 -6.27 -8.03 0.91
N GLU C 167 -5.20 -7.49 1.49
CA GLU C 167 -4.46 -6.43 0.83
C GLU C 167 -3.53 -6.96 -0.25
N SER C 168 -2.98 -8.15 -0.08
CA SER C 168 -2.07 -8.68 -1.08
C SER C 168 -2.72 -9.43 -2.22
N GLY C 169 -3.92 -9.94 -2.02
CA GLY C 169 -4.42 -11.04 -2.79
C GLY C 169 -3.81 -12.36 -2.36
N SER C 170 -4.49 -13.45 -2.68
CA SER C 170 -3.83 -14.75 -2.63
C SER C 170 -4.60 -15.76 -3.46
N GLY C 171 -3.87 -16.55 -4.26
CA GLY C 171 -4.46 -17.73 -4.85
C GLY C 171 -5.01 -18.66 -3.78
N PHE C 172 -5.98 -19.47 -4.21
CA PHE C 172 -6.59 -20.56 -3.44
C PHE C 172 -7.57 -20.10 -2.36
N VAL C 173 -7.52 -18.84 -1.97
CA VAL C 173 -8.51 -18.23 -1.08
C VAL C 173 -9.07 -16.99 -1.77
N MET C 174 -9.29 -17.07 -3.08
CA MET C 174 -9.53 -15.87 -3.86
C MET C 174 -10.85 -15.18 -3.50
N PRO C 175 -11.96 -15.91 -3.33
CA PRO C 175 -13.20 -15.22 -2.92
C PRO C 175 -13.08 -14.53 -1.57
N SER C 176 -12.44 -15.20 -0.61
CA SER C 176 -12.23 -14.58 0.69
C SER C 176 -11.36 -13.35 0.59
N SER C 177 -10.28 -13.44 -0.19
CA SER C 177 -9.41 -12.29 -0.39
C SER C 177 -10.20 -11.11 -0.94
N SER C 178 -11.05 -11.39 -1.95
CA SER C 178 -11.81 -10.33 -2.60
C SER C 178 -12.80 -9.70 -1.63
N ALA C 179 -13.58 -10.53 -0.94
CA ALA C 179 -14.60 -10.02 -0.03
C ALA C 179 -13.96 -9.25 1.12
N LYS C 180 -12.87 -9.80 1.67
CA LYS C 180 -12.21 -9.14 2.79
C LYS C 180 -11.56 -7.83 2.37
N SER C 181 -11.01 -7.76 1.14
CA SER C 181 -10.49 -6.48 0.65
C SER C 181 -11.62 -5.47 0.54
N GLY C 182 -12.79 -5.90 0.10
CA GLY C 182 -13.94 -5.00 0.08
C GLY C 182 -14.29 -4.49 1.46
N VAL C 183 -14.16 -5.34 2.48
CA VAL C 183 -14.42 -4.90 3.86
C VAL C 183 -13.41 -3.86 4.29
N GLU C 184 -12.14 -4.04 3.90
CA GLU C 184 -11.15 -3.02 4.23
C GLU C 184 -11.50 -1.67 3.62
N ALA C 185 -11.83 -1.66 2.33
CA ALA C 185 -12.17 -0.42 1.67
C ALA C 185 -13.39 0.22 2.32
N MET C 186 -14.40 -0.60 2.66
CA MET C 186 -15.59 -0.10 3.34
C MET C 186 -15.20 0.63 4.61
N ASN C 187 -14.34 0.02 5.43
CA ASN C 187 -14.03 0.63 6.72
C ASN C 187 -13.18 1.88 6.58
N LYS C 188 -12.25 1.91 5.63
CA LYS C 188 -11.49 3.14 5.36
C LYS C 188 -12.42 4.26 4.89
N SER C 189 -13.42 3.90 4.08
CA SER C 189 -14.38 4.86 3.56
C SER C 189 -15.18 5.47 4.70
N LEU C 190 -15.69 4.62 5.60
CA LEU C 190 -16.54 5.10 6.67
C LEU C 190 -15.73 5.83 7.73
N ALA C 191 -14.47 5.45 7.97
CA ALA C 191 -13.61 6.24 8.85
C ALA C 191 -13.56 7.68 8.36
N ALA C 192 -13.43 7.88 7.05
CA ALA C 192 -13.36 9.23 6.50
C ALA C 192 -14.71 9.91 6.44
N GLU C 193 -15.79 9.17 6.23
CA GLU C 193 -17.07 9.78 6.00
C GLU C 193 -17.84 10.07 7.28
N TRP C 194 -17.65 9.25 8.31
CA TRP C 194 -18.56 9.26 9.47
C TRP C 194 -17.92 9.79 10.75
N GLY C 195 -16.76 10.45 10.64
CA GLY C 195 -16.20 11.08 11.83
C GLY C 195 -17.14 12.08 12.45
N ARG C 196 -17.89 12.83 11.61
CA ARG C 196 -18.79 13.84 12.13
C ARG C 196 -19.89 13.23 12.97
N TYR C 197 -20.11 11.93 12.84
CA TYR C 197 -21.11 11.20 13.61
C TYR C 197 -20.50 10.42 14.76
N GLY C 198 -19.21 10.61 15.03
CA GLY C 198 -18.60 9.98 16.18
C GLY C 198 -18.29 8.51 16.03
N MET C 199 -18.26 8.02 14.79
CA MET C 199 -17.94 6.61 14.56
C MET C 199 -16.55 6.50 13.95
N ARG C 200 -15.70 5.67 14.54
CA ARG C 200 -14.36 5.39 14.03
C ARG C 200 -14.29 3.91 13.68
N PHE C 201 -13.40 3.58 12.72
CA PHE C 201 -13.35 2.25 12.10
C PHE C 201 -11.91 1.82 11.90
N ASN C 202 -11.55 0.64 12.41
CA ASN C 202 -10.21 0.09 12.23
C ASN C 202 -10.28 -1.37 11.78
N ILE C 203 -9.15 -1.85 11.29
CA ILE C 203 -9.01 -3.18 10.71
C ILE C 203 -7.84 -3.89 11.37
N ILE C 204 -8.04 -5.15 11.76
CA ILE C 204 -6.91 -6.02 12.08
C ILE C 204 -6.79 -7.06 10.97
N GLN C 205 -5.55 -7.27 10.48
CA GLN C 205 -5.24 -8.28 9.48
C GLN C 205 -4.49 -9.43 10.13
N PRO C 206 -5.14 -10.52 10.49
CA PRO C 206 -4.40 -11.62 11.13
C PRO C 206 -3.65 -12.49 10.14
N GLY C 207 -2.51 -13.00 10.62
CA GLY C 207 -1.86 -14.18 10.10
C GLY C 207 -2.45 -15.43 10.77
N PRO C 208 -1.69 -16.52 10.80
CA PRO C 208 -2.24 -17.80 11.30
C PRO C 208 -2.29 -17.85 12.82
N ILE C 209 -3.48 -18.15 13.33
CA ILE C 209 -3.74 -18.18 14.76
C ILE C 209 -4.04 -19.61 15.16
N LYS C 210 -3.44 -20.03 16.27
CA LYS C 210 -3.59 -21.39 16.75
C LYS C 210 -5.05 -21.67 17.09
N THR C 211 -5.56 -22.78 16.59
CA THR C 211 -6.92 -23.21 16.92
C THR C 211 -7.24 -24.57 16.31
N PHE C 224 -0.47 -28.70 8.75
CA PHE C 224 0.21 -27.90 7.73
C PHE C 224 0.66 -26.56 8.28
N GLU C 225 0.81 -26.47 9.60
CA GLU C 225 1.29 -25.26 10.25
C GLU C 225 2.77 -25.32 10.56
N LYS C 226 3.43 -26.45 10.32
CA LYS C 226 4.88 -26.48 10.34
C LYS C 226 5.43 -25.63 9.20
N GLU C 227 4.93 -25.88 7.99
CA GLU C 227 5.28 -25.05 6.85
C GLU C 227 4.99 -23.60 7.16
N MET C 228 3.88 -23.34 7.84
CA MET C 228 3.54 -21.95 8.13
C MET C 228 4.53 -21.36 9.12
N ILE C 229 4.91 -22.12 10.15
CA ILE C 229 5.83 -21.57 11.14
C ILE C 229 7.17 -21.20 10.49
N ASP C 230 7.58 -21.92 9.46
CA ASP C 230 8.82 -21.60 8.76
C ASP C 230 8.77 -20.26 8.03
N ARG C 231 7.59 -19.69 7.84
CA ARG C 231 7.46 -18.39 7.18
C ARG C 231 7.12 -17.27 8.16
N ILE C 232 7.13 -17.55 9.45
CA ILE C 232 6.75 -16.59 10.47
C ILE C 232 8.01 -16.19 11.23
N PRO C 233 8.46 -14.94 11.10
CA PRO C 233 9.68 -14.51 11.83
C PRO C 233 9.62 -14.75 13.31
N CYS C 234 8.46 -14.61 13.94
CA CYS C 234 8.36 -14.84 15.38
C CYS C 234 8.40 -16.32 15.76
N GLY C 235 8.31 -17.23 14.78
CA GLY C 235 8.59 -18.63 15.03
C GLY C 235 7.50 -19.42 15.69
N ARG C 236 6.25 -18.95 15.62
CA ARG C 236 5.12 -19.62 16.25
C ARG C 236 3.84 -19.04 15.66
N LEU C 237 2.74 -19.74 15.86
CA LEU C 237 1.45 -19.18 15.51
C LEU C 237 1.00 -18.16 16.55
N GLY C 238 0.07 -17.31 16.16
CA GLY C 238 -0.53 -16.37 17.08
C GLY C 238 -1.55 -17.04 17.97
N THR C 239 -1.95 -16.34 19.03
CA THR C 239 -2.99 -16.84 19.93
C THR C 239 -4.21 -15.91 19.90
N MET C 240 -5.38 -16.50 20.20
CA MET C 240 -6.62 -15.75 20.22
C MET C 240 -6.61 -14.72 21.35
N GLU C 241 -5.96 -15.04 22.47
CA GLU C 241 -5.88 -14.09 23.57
C GLU C 241 -5.09 -12.85 23.20
N GLU C 242 -3.96 -13.04 22.50
CA GLU C 242 -3.19 -11.89 22.04
C GLU C 242 -4.02 -11.05 21.06
N LEU C 243 -4.73 -11.71 20.15
CA LEU C 243 -5.60 -10.98 19.23
C LEU C 243 -6.64 -10.20 20.01
N ALA C 244 -7.22 -10.83 21.04
CA ALA C 244 -8.23 -10.14 21.85
C ALA C 244 -7.66 -8.93 22.59
N ASN C 245 -6.41 -9.00 23.06
CA ASN C 245 -5.81 -7.81 23.66
C ASN C 245 -5.71 -6.67 22.64
N LEU C 246 -5.25 -6.97 21.44
CA LEU C 246 -5.16 -5.94 20.40
C LEU C 246 -6.54 -5.39 20.07
N ALA C 247 -7.53 -6.28 19.93
CA ALA C 247 -8.88 -5.83 19.56
C ALA C 247 -9.49 -4.97 20.67
N THR C 248 -9.38 -5.41 21.92
CA THR C 248 -9.96 -4.62 23.00
C THR C 248 -9.28 -3.27 23.11
N PHE C 249 -7.96 -3.20 22.91
CA PHE C 249 -7.30 -1.90 22.89
C PHE C 249 -7.91 -0.99 21.83
N LEU C 250 -8.01 -1.48 20.59
CA LEU C 250 -8.52 -0.66 19.50
C LEU C 250 -9.96 -0.22 19.73
N CYS C 251 -10.75 -1.01 20.42
CA CYS C 251 -12.15 -0.70 20.70
C CYS C 251 -12.32 0.09 21.99
N SER C 252 -11.24 0.38 22.71
CA SER C 252 -11.30 1.09 23.98
C SER C 252 -11.09 2.58 23.79
N ASP C 253 -11.48 3.35 24.82
CA ASP C 253 -11.30 4.80 24.77
C ASP C 253 -9.84 5.21 24.77
N TYR C 254 -8.92 4.34 25.16
CA TYR C 254 -7.49 4.64 25.03
C TYR C 254 -7.07 4.82 23.57
N ALA C 255 -7.87 4.32 22.64
CA ALA C 255 -7.63 4.37 21.20
C ALA C 255 -8.61 5.29 20.49
N SER C 256 -9.15 6.28 21.22
CA SER C 256 -10.17 7.16 20.66
C SER C 256 -9.68 8.04 19.50
N TRP C 257 -8.36 8.14 19.26
CA TRP C 257 -7.81 8.87 18.13
C TRP C 257 -7.24 7.93 17.08
N ILE C 258 -7.50 6.62 17.20
CA ILE C 258 -7.07 5.64 16.20
C ILE C 258 -8.27 5.36 15.32
N ASN C 259 -8.15 5.68 14.04
CA ASN C 259 -9.27 5.68 13.11
C ASN C 259 -8.73 5.52 11.70
N GLY C 260 -9.28 4.55 10.98
CA GLY C 260 -8.80 4.24 9.65
C GLY C 260 -7.51 3.46 9.63
N ALA C 261 -7.09 2.91 10.76
CA ALA C 261 -5.86 2.15 10.82
C ALA C 261 -6.08 0.71 10.37
N VAL C 262 -5.02 0.14 9.82
CA VAL C 262 -4.97 -1.24 9.37
C VAL C 262 -3.75 -1.86 10.01
N ILE C 263 -3.95 -2.85 10.88
CA ILE C 263 -2.88 -3.37 11.73
C ILE C 263 -2.66 -4.84 11.43
N ARG C 264 -1.47 -5.18 10.93
CA ARG C 264 -1.08 -6.58 10.78
C ARG C 264 -0.81 -7.21 12.14
N PHE C 265 -1.42 -8.37 12.36
CA PHE C 265 -1.23 -9.21 13.54
C PHE C 265 -0.84 -10.57 13.02
N ASP C 266 0.48 -10.75 12.80
CA ASP C 266 0.92 -11.86 11.96
C ASP C 266 2.30 -12.41 12.28
N GLY C 267 2.93 -12.01 13.38
CA GLY C 267 4.25 -12.53 13.70
C GLY C 267 5.32 -12.14 12.72
N GLY C 268 5.04 -11.20 11.84
CA GLY C 268 5.92 -10.84 10.74
C GLY C 268 5.70 -11.61 9.46
N GLU C 269 4.68 -12.44 9.38
CA GLU C 269 4.53 -13.29 8.21
C GLU C 269 4.46 -12.48 6.91
N GLU C 270 3.65 -11.41 6.88
CA GLU C 270 3.47 -10.71 5.60
C GLU C 270 4.75 -10.04 5.13
N VAL C 271 5.49 -9.40 6.03
CA VAL C 271 6.76 -8.80 5.58
C VAL C 271 7.73 -9.87 5.11
N PHE C 272 7.73 -11.03 5.79
CA PHE C 272 8.59 -12.12 5.36
C PHE C 272 8.19 -12.58 3.96
N LEU C 273 6.92 -12.87 3.76
CA LEU C 273 6.45 -13.38 2.47
C LEU C 273 6.75 -12.39 1.35
N SER C 274 6.51 -11.11 1.60
CA SER C 274 6.51 -10.12 0.54
C SER C 274 7.90 -9.66 0.12
N GLY C 275 8.94 -9.94 0.90
CA GLY C 275 10.27 -9.44 0.57
C GLY C 275 11.02 -10.36 -0.39
N GLU C 276 11.45 -9.81 -1.51
CA GLU C 276 12.01 -10.59 -2.61
C GLU C 276 13.18 -11.49 -2.20
N PHE C 277 14.04 -11.04 -1.29
CA PHE C 277 15.23 -11.82 -0.93
C PHE C 277 15.14 -12.46 0.45
N ASN C 278 13.96 -12.47 1.06
CA ASN C 278 13.86 -13.05 2.41
C ASN C 278 14.14 -14.55 2.44
N SER C 279 13.98 -15.26 1.31
CA SER C 279 14.31 -16.67 1.28
C SER C 279 15.79 -16.92 1.50
N LEU C 280 16.64 -15.89 1.42
CA LEU C 280 18.06 -16.09 1.72
C LEU C 280 18.32 -16.33 3.19
N LYS C 281 17.28 -16.35 4.04
CA LYS C 281 17.48 -16.84 5.40
C LYS C 281 18.10 -18.22 5.42
N LYS C 282 17.94 -19.01 4.35
CA LYS C 282 18.49 -20.35 4.35
C LYS C 282 20.00 -20.39 4.14
N VAL C 283 20.63 -19.28 3.71
CA VAL C 283 22.07 -19.26 3.50
C VAL C 283 22.74 -19.33 4.87
N THR C 284 23.70 -20.25 5.02
CA THR C 284 24.31 -20.42 6.33
C THR C 284 25.45 -19.45 6.55
N LYS C 285 25.82 -19.29 7.82
CA LYS C 285 26.95 -18.43 8.15
C LYS C 285 28.16 -18.84 7.32
N GLU C 286 28.41 -20.15 7.28
CA GLU C 286 29.57 -20.66 6.55
C GLU C 286 29.49 -20.28 5.07
N GLU C 287 28.28 -20.32 4.49
CA GLU C 287 28.12 -19.95 3.09
C GLU C 287 28.31 -18.45 2.87
N TRP C 288 27.86 -17.61 3.81
CA TRP C 288 28.13 -16.19 3.68
C TRP C 288 29.63 -15.91 3.80
N ASP C 289 30.31 -16.60 4.73
CA ASP C 289 31.75 -16.39 4.89
C ASP C 289 32.51 -16.66 3.60
N ILE C 290 31.98 -17.55 2.75
CA ILE C 290 32.61 -17.97 1.51
C ILE C 290 32.13 -17.06 0.39
N ILE C 291 31.87 -15.80 0.71
CA ILE C 291 31.11 -14.92 -0.16
C ILE C 291 29.87 -15.69 -0.65
N LYS D 2 16.89 -23.14 -17.74
CA LYS D 2 15.74 -22.94 -18.60
C LYS D 2 14.55 -22.38 -17.82
N ASP D 3 13.51 -21.99 -18.55
CA ASP D 3 12.37 -21.31 -17.97
C ASP D 3 11.32 -22.34 -17.54
N ALA D 4 10.30 -21.88 -16.81
CA ALA D 4 9.24 -22.76 -16.35
C ALA D 4 8.31 -23.07 -17.51
N PRO D 5 7.50 -24.13 -17.41
CA PRO D 5 6.71 -24.57 -18.57
C PRO D 5 5.75 -23.53 -19.12
N GLN D 6 5.21 -22.64 -18.29
CA GLN D 6 4.27 -21.66 -18.76
C GLN D 6 4.93 -20.50 -19.51
N SER D 7 6.26 -20.45 -19.55
CA SER D 7 6.90 -19.30 -20.19
C SER D 7 6.48 -19.16 -21.66
N LYS D 8 6.10 -20.27 -22.31
CA LYS D 8 5.69 -20.20 -23.70
C LYS D 8 4.46 -19.32 -23.90
N PHE D 9 3.68 -19.07 -22.85
CA PHE D 9 2.53 -18.20 -22.95
C PHE D 9 2.86 -16.74 -22.76
N PHE D 10 4.09 -16.40 -22.38
CA PHE D 10 4.46 -15.05 -22.03
C PHE D 10 5.76 -14.66 -22.72
N GLN D 11 5.87 -14.90 -24.02
CA GLN D 11 7.14 -14.71 -24.67
C GLN D 11 7.46 -13.23 -24.80
N PRO D 12 8.72 -12.84 -24.65
CA PRO D 12 9.09 -11.43 -24.74
C PRO D 12 9.11 -10.93 -26.17
N VAL D 13 8.78 -9.66 -26.30
CA VAL D 13 8.93 -8.91 -27.55
C VAL D 13 10.02 -7.88 -27.31
N LEU D 14 11.09 -7.93 -28.11
CA LEU D 14 12.29 -7.14 -27.82
C LEU D 14 12.39 -5.88 -28.66
N LYS D 15 11.49 -5.66 -29.55
CA LYS D 15 11.56 -4.51 -30.45
C LYS D 15 10.86 -3.30 -29.84
N PRO D 16 11.37 -2.10 -30.10
CA PRO D 16 10.65 -0.90 -29.63
C PRO D 16 9.22 -0.87 -30.14
N MET D 17 8.29 -0.53 -29.24
CA MET D 17 6.87 -0.53 -29.58
C MET D 17 6.33 0.83 -30.03
N LEU D 18 6.97 1.94 -29.64
CA LEU D 18 6.44 3.26 -29.97
C LEU D 18 6.79 3.64 -31.40
N PRO D 19 6.12 4.64 -31.96
CA PRO D 19 6.36 5.00 -33.36
C PRO D 19 7.80 5.46 -33.56
N PRO D 20 8.33 5.28 -34.77
CA PRO D 20 9.74 5.55 -35.04
C PRO D 20 10.27 6.92 -34.66
N ASP D 21 9.42 7.95 -34.65
CA ASP D 21 9.84 9.31 -34.35
C ASP D 21 9.24 9.81 -33.05
N ALA D 22 8.89 8.91 -32.13
CA ALA D 22 8.16 9.29 -30.94
C ALA D 22 8.93 10.27 -30.05
N PHE D 23 10.25 10.28 -30.15
CA PHE D 23 11.06 11.18 -29.33
C PHE D 23 11.84 12.16 -30.19
N GLN D 24 11.44 12.35 -31.44
CA GLN D 24 12.13 13.32 -32.28
C GLN D 24 12.06 14.69 -31.61
N GLY D 25 13.21 15.37 -31.55
CA GLY D 25 13.30 16.68 -30.95
C GLY D 25 13.42 16.70 -29.45
N LYS D 26 13.37 15.56 -28.78
CA LYS D 26 13.40 15.50 -27.33
C LYS D 26 14.83 15.23 -26.88
N VAL D 27 15.11 15.65 -25.65
CA VAL D 27 16.38 15.42 -24.98
C VAL D 27 16.13 14.55 -23.75
N ALA D 28 16.95 13.52 -23.57
CA ALA D 28 16.81 12.63 -22.42
C ALA D 28 18.13 12.55 -21.67
N PHE D 29 18.04 12.54 -20.35
CA PHE D 29 19.20 12.43 -19.46
C PHE D 29 19.03 11.17 -18.63
N ILE D 30 20.00 10.27 -18.68
CA ILE D 30 19.91 8.95 -18.04
C ILE D 30 21.14 8.73 -17.16
N THR D 31 20.94 8.65 -15.84
CA THR D 31 22.04 8.25 -14.95
C THR D 31 22.22 6.73 -15.00
N GLY D 32 23.48 6.29 -14.98
CA GLY D 32 23.76 4.89 -15.23
C GLY D 32 23.50 4.47 -16.67
N GLY D 33 23.47 5.42 -17.59
CA GLY D 33 23.09 5.12 -18.97
C GLY D 33 24.12 4.34 -19.76
N GLY D 34 25.31 4.14 -19.21
CA GLY D 34 26.34 3.40 -19.93
C GLY D 34 26.24 1.89 -19.85
N THR D 35 25.45 1.34 -18.94
CA THR D 35 25.40 -0.10 -18.73
C THR D 35 23.98 -0.57 -18.49
N GLY D 36 23.78 -1.88 -18.66
CA GLY D 36 22.60 -2.53 -18.14
C GLY D 36 21.30 -1.88 -18.57
N LEU D 37 20.39 -1.72 -17.60
CA LEU D 37 19.08 -1.16 -17.91
C LEU D 37 19.22 0.25 -18.46
N GLY D 38 20.13 1.04 -17.88
CA GLY D 38 20.29 2.40 -18.36
C GLY D 38 20.68 2.43 -19.83
N LYS D 39 21.60 1.55 -20.22
CA LYS D 39 21.99 1.46 -21.62
C LYS D 39 20.83 1.02 -22.51
N ALA D 40 20.02 0.07 -22.03
CA ALA D 40 18.86 -0.38 -22.80
C ALA D 40 17.87 0.75 -23.00
N MET D 41 17.59 1.51 -21.95
CA MET D 41 16.66 2.63 -22.07
C MET D 41 17.21 3.68 -23.02
N THR D 42 18.50 4.03 -22.86
CA THR D 42 19.14 4.97 -23.77
C THR D 42 19.05 4.48 -25.21
N THR D 43 19.29 3.18 -25.43
CA THR D 43 19.23 2.64 -26.78
C THR D 43 17.85 2.87 -27.39
N PHE D 44 16.79 2.52 -26.65
CA PHE D 44 15.44 2.71 -27.21
C PHE D 44 15.15 4.18 -27.43
N LEU D 45 15.47 5.04 -26.47
CA LEU D 45 15.23 6.48 -26.64
C LEU D 45 15.90 7.00 -27.90
N SER D 46 17.18 6.67 -28.07
CA SER D 46 17.92 7.11 -29.24
C SER D 46 17.33 6.55 -30.53
N THR D 47 16.93 5.28 -30.52
CA THR D 47 16.32 4.68 -31.71
C THR D 47 15.08 5.45 -32.12
N LEU D 48 14.32 5.92 -31.14
CA LEU D 48 13.06 6.62 -31.37
C LEU D 48 13.24 8.12 -31.60
N GLY D 49 14.47 8.60 -31.72
CA GLY D 49 14.73 9.96 -32.16
C GLY D 49 15.29 10.90 -31.11
N ALA D 50 15.36 10.48 -29.84
CA ALA D 50 15.83 11.39 -28.80
C ALA D 50 17.33 11.67 -28.98
N GLN D 51 17.74 12.84 -28.51
CA GLN D 51 19.15 13.15 -28.28
C GLN D 51 19.37 12.83 -26.81
N CYS D 52 20.35 11.99 -26.52
CA CYS D 52 20.51 11.46 -25.17
C CYS D 52 21.80 11.94 -24.53
N VAL D 53 21.79 12.05 -23.20
CA VAL D 53 22.96 12.39 -22.41
C VAL D 53 23.02 11.35 -21.31
N ILE D 54 24.13 10.62 -21.22
CA ILE D 54 24.32 9.58 -20.23
C ILE D 54 25.41 10.01 -19.26
N ALA D 55 25.22 9.70 -17.98
CA ALA D 55 26.14 10.15 -16.93
C ALA D 55 26.33 9.06 -15.89
N SER D 56 27.59 8.83 -15.53
CA SER D 56 27.98 7.91 -14.46
C SER D 56 29.47 8.16 -14.19
N ARG D 57 30.06 7.31 -13.36
CA ARG D 57 31.43 7.53 -12.91
C ARG D 57 32.49 7.19 -13.95
N ASN D 58 32.27 6.14 -14.75
CA ASN D 58 33.32 5.62 -15.63
C ASN D 58 33.17 6.22 -17.03
N ILE D 59 34.00 7.21 -17.33
CA ILE D 59 33.88 7.93 -18.61
C ILE D 59 34.23 7.03 -19.78
N ASP D 60 35.11 6.04 -19.59
CA ASP D 60 35.46 5.17 -20.70
C ASP D 60 34.29 4.29 -21.11
N VAL D 61 33.56 3.78 -20.12
CA VAL D 61 32.36 2.99 -20.41
C VAL D 61 31.29 3.85 -21.05
N LEU D 62 31.08 5.05 -20.52
CA LEU D 62 30.08 5.94 -21.09
C LEU D 62 30.41 6.26 -22.54
N LYS D 63 31.67 6.54 -22.83
CA LYS D 63 32.07 6.87 -24.20
C LYS D 63 31.86 5.69 -25.13
N ALA D 64 32.20 4.49 -24.67
CA ALA D 64 32.01 3.32 -25.53
C ALA D 64 30.54 3.13 -25.83
N THR D 65 29.69 3.28 -24.81
CA THR D 65 28.26 3.09 -25.02
C THR D 65 27.69 4.17 -25.92
N ALA D 66 28.11 5.42 -25.71
CA ALA D 66 27.60 6.50 -26.55
C ALA D 66 27.93 6.27 -28.01
N GLU D 67 29.17 5.87 -28.30
CA GLU D 67 29.54 5.60 -29.69
C GLU D 67 28.74 4.45 -30.27
N GLU D 68 28.59 3.38 -29.48
CA GLU D 68 27.86 2.20 -29.95
C GLU D 68 26.42 2.54 -30.31
N ILE D 69 25.74 3.28 -29.43
CA ILE D 69 24.35 3.63 -29.70
C ILE D 69 24.26 4.62 -30.87
N SER D 70 25.02 5.71 -30.83
CA SER D 70 24.86 6.73 -31.85
C SER D 70 25.24 6.22 -33.23
N SER D 71 26.21 5.30 -33.30
CA SER D 71 26.59 4.74 -34.58
C SER D 71 25.48 3.89 -35.17
N LYS D 72 24.63 3.30 -34.33
CA LYS D 72 23.53 2.51 -34.85
C LYS D 72 22.29 3.33 -35.15
N THR D 73 22.01 4.38 -34.38
CA THR D 73 20.79 5.15 -34.56
C THR D 73 20.98 6.41 -35.38
N GLY D 74 22.19 6.94 -35.47
CA GLY D 74 22.39 8.20 -36.11
C GLY D 74 22.06 9.41 -35.26
N ASN D 75 21.63 9.20 -34.01
CA ASN D 75 21.29 10.30 -33.12
C ASN D 75 22.36 10.44 -32.05
N LYS D 76 22.63 11.68 -31.67
CA LYS D 76 23.73 11.96 -30.78
C LYS D 76 23.48 11.43 -29.38
N VAL D 77 24.54 10.89 -28.79
CA VAL D 77 24.56 10.49 -27.39
C VAL D 77 25.80 11.12 -26.79
N HIS D 78 25.61 11.95 -25.78
CA HIS D 78 26.70 12.65 -25.13
C HIS D 78 27.01 11.97 -23.81
N ALA D 79 28.29 11.88 -23.47
CA ALA D 79 28.73 11.33 -22.20
C ALA D 79 29.19 12.44 -21.30
N ILE D 80 28.75 12.42 -20.04
CA ILE D 80 29.25 13.34 -19.02
C ILE D 80 29.60 12.52 -17.79
N ARG D 81 30.86 12.60 -17.34
CA ARG D 81 31.23 11.91 -16.13
C ARG D 81 30.59 12.57 -14.91
N CYS D 82 30.00 11.77 -14.03
CA CYS D 82 29.36 12.32 -12.83
C CYS D 82 29.21 11.21 -11.80
N ASP D 83 29.74 11.46 -10.60
CA ASP D 83 29.42 10.66 -9.41
C ASP D 83 28.23 11.35 -8.73
N VAL D 84 27.06 10.73 -8.78
CA VAL D 84 25.85 11.36 -8.29
C VAL D 84 25.86 11.61 -6.79
N ARG D 85 26.80 11.01 -6.05
CA ARG D 85 26.96 11.29 -4.64
C ARG D 85 27.39 12.73 -4.38
N ASP D 86 28.02 13.38 -5.37
CA ASP D 86 28.67 14.67 -5.20
C ASP D 86 27.74 15.76 -5.71
N PRO D 87 27.07 16.51 -4.84
CA PRO D 87 26.07 17.46 -5.33
C PRO D 87 26.65 18.57 -6.18
N ASP D 88 27.91 18.95 -5.96
CA ASP D 88 28.52 19.97 -6.81
C ASP D 88 28.81 19.43 -8.20
N MET D 89 29.27 18.18 -8.28
CA MET D 89 29.45 17.57 -9.59
C MET D 89 28.11 17.40 -10.31
N VAL D 90 27.05 17.07 -9.57
CA VAL D 90 25.74 16.96 -10.20
C VAL D 90 25.31 18.31 -10.75
N HIS D 91 25.47 19.37 -9.95
CA HIS D 91 25.17 20.72 -10.46
C HIS D 91 25.93 20.99 -11.75
N ASN D 92 27.24 20.71 -11.77
CA ASN D 92 28.01 21.02 -12.96
C ASN D 92 27.55 20.17 -14.14
N THR D 93 27.20 18.91 -13.87
CA THR D 93 26.74 18.00 -14.92
C THR D 93 25.44 18.48 -15.53
N VAL D 94 24.50 18.97 -14.71
CA VAL D 94 23.25 19.51 -15.24
C VAL D 94 23.52 20.74 -16.11
N LEU D 95 24.44 21.62 -15.70
CA LEU D 95 24.75 22.76 -16.56
C LEU D 95 25.35 22.29 -17.88
N GLU D 96 26.19 21.26 -17.85
CA GLU D 96 26.74 20.75 -19.10
C GLU D 96 25.66 20.12 -19.98
N LEU D 97 24.75 19.35 -19.38
CA LEU D 97 23.59 18.83 -20.09
C LEU D 97 22.86 19.94 -20.86
N ILE D 98 22.58 21.06 -20.18
CA ILE D 98 21.83 22.14 -20.82
C ILE D 98 22.64 22.78 -21.92
N LYS D 99 23.95 22.86 -21.75
CA LYS D 99 24.81 23.51 -22.74
C LYS D 99 24.98 22.63 -23.98
N VAL D 100 25.20 21.32 -23.79
CA VAL D 100 25.56 20.48 -24.93
C VAL D 100 24.33 19.95 -25.68
N ALA D 101 23.20 19.73 -24.99
CA ALA D 101 22.01 19.14 -25.58
C ALA D 101 20.77 20.00 -25.41
N GLY D 102 20.56 20.54 -24.22
CA GLY D 102 19.38 21.31 -23.90
C GLY D 102 18.77 20.88 -22.60
N HIS D 103 17.73 21.59 -22.21
CA HIS D 103 16.95 21.15 -21.07
C HIS D 103 16.34 19.78 -21.38
N PRO D 104 16.36 18.85 -20.44
CA PRO D 104 15.84 17.51 -20.73
C PRO D 104 14.32 17.50 -20.67
N ASP D 105 13.71 16.80 -21.65
CA ASP D 105 12.29 16.45 -21.60
C ASP D 105 12.05 15.18 -20.81
N VAL D 106 13.09 14.37 -20.66
CA VAL D 106 13.03 13.04 -20.08
C VAL D 106 14.21 12.93 -19.12
N VAL D 107 13.95 12.52 -17.89
CA VAL D 107 14.99 12.34 -16.87
C VAL D 107 14.79 10.96 -16.26
N ILE D 108 15.81 10.11 -16.34
CA ILE D 108 15.74 8.75 -15.81
C ILE D 108 16.86 8.58 -14.80
N ASN D 109 16.48 8.38 -13.53
CA ASN D 109 17.40 8.11 -12.45
C ASN D 109 17.47 6.61 -12.28
N ASN D 110 18.61 6.05 -12.67
CA ASN D 110 18.84 4.61 -12.69
C ASN D 110 20.16 4.23 -12.02
N ALA D 111 21.07 5.17 -11.78
CA ALA D 111 22.33 4.85 -11.13
C ALA D 111 22.06 4.29 -9.75
N ALA D 112 22.75 3.21 -9.41
CA ALA D 112 22.51 2.56 -8.14
C ALA D 112 23.74 1.72 -7.79
N GLY D 113 23.85 1.42 -6.52
CA GLY D 113 24.74 0.39 -6.05
C GLY D 113 23.95 -0.57 -5.18
N ASN D 114 24.46 -1.79 -5.07
CA ASN D 114 23.75 -2.78 -4.28
C ASN D 114 24.69 -3.96 -4.04
N PHE D 115 24.45 -4.63 -2.93
CA PHE D 115 25.10 -5.90 -2.68
C PHE D 115 24.23 -6.62 -1.66
N ILE D 116 24.28 -7.91 -1.70
CA ILE D 116 23.47 -8.77 -0.86
C ILE D 116 24.32 -9.16 0.33
N SER D 117 23.75 -9.02 1.54
CA SER D 117 24.52 -9.27 2.73
C SER D 117 23.55 -9.43 3.88
N PRO D 118 23.82 -10.32 4.83
CA PRO D 118 23.13 -10.22 6.12
C PRO D 118 23.31 -8.81 6.65
N SER D 119 22.24 -8.25 7.21
CA SER D 119 22.31 -6.87 7.66
C SER D 119 23.31 -6.71 8.80
N GLU D 120 23.51 -7.75 9.61
CA GLU D 120 24.46 -7.64 10.71
C GLU D 120 25.90 -7.64 10.24
N ARG D 121 26.15 -7.87 8.94
CA ARG D 121 27.50 -7.74 8.38
C ARG D 121 27.72 -6.39 7.73
N LEU D 122 26.73 -5.51 7.74
CA LEU D 122 26.89 -4.19 7.14
C LEU D 122 27.70 -3.30 8.05
N THR D 123 28.54 -2.48 7.47
CA THR D 123 29.26 -1.46 8.22
C THR D 123 28.55 -0.13 8.04
N PRO D 124 28.75 0.82 8.96
CA PRO D 124 28.22 2.17 8.71
C PRO D 124 28.66 2.75 7.38
N ASN D 125 29.90 2.52 6.94
CA ASN D 125 30.33 3.07 5.65
C ASN D 125 29.62 2.39 4.48
N GLY D 126 29.39 1.08 4.59
CA GLY D 126 28.65 0.38 3.55
C GLY D 126 27.22 0.88 3.44
N TRP D 127 26.55 1.04 4.60
CA TRP D 127 25.24 1.67 4.66
C TRP D 127 25.25 3.02 3.94
N LYS D 128 26.17 3.89 4.36
CA LYS D 128 26.17 5.26 3.84
C LYS D 128 26.49 5.29 2.35
N THR D 129 27.29 4.35 1.85
CA THR D 129 27.57 4.31 0.41
C THR D 129 26.29 4.11 -0.39
N ILE D 130 25.47 3.13 0.01
CA ILE D 130 24.25 2.83 -0.74
C ILE D 130 23.24 3.98 -0.65
N THR D 131 23.02 4.51 0.55
CA THR D 131 22.06 5.60 0.67
C THR D 131 22.55 6.87 -0.02
N ASP D 132 23.86 7.11 -0.01
CA ASP D 132 24.39 8.28 -0.69
C ASP D 132 24.18 8.17 -2.18
N ILE D 133 24.47 7.00 -2.76
CA ILE D 133 24.38 6.87 -4.22
C ILE D 133 22.91 6.88 -4.67
N VAL D 134 22.09 6.04 -4.03
CA VAL D 134 20.74 5.82 -4.51
C VAL D 134 19.82 6.96 -4.11
N LEU D 135 19.76 7.27 -2.82
CA LEU D 135 18.81 8.27 -2.33
C LEU D 135 19.36 9.67 -2.55
N ASN D 136 20.53 9.98 -2.02
CA ASN D 136 21.03 11.33 -2.17
C ASN D 136 21.33 11.65 -3.63
N GLY D 137 21.93 10.71 -4.36
CA GLY D 137 22.25 10.94 -5.76
C GLY D 137 21.00 11.27 -6.58
N THR D 138 19.95 10.47 -6.44
CA THR D 138 18.70 10.75 -7.15
C THR D 138 18.11 12.08 -6.70
N ALA D 139 18.19 12.41 -5.41
CA ALA D 139 17.70 13.70 -4.97
C ALA D 139 18.47 14.84 -5.62
N TYR D 140 19.81 14.76 -5.64
CA TYR D 140 20.57 15.87 -6.20
C TYR D 140 20.25 16.05 -7.68
N VAL D 141 20.20 14.95 -8.43
CA VAL D 141 19.89 15.05 -9.86
C VAL D 141 18.51 15.67 -10.05
N THR D 142 17.52 15.16 -9.32
CA THR D 142 16.14 15.58 -9.51
C THR D 142 15.98 17.04 -9.11
N LEU D 143 16.53 17.42 -7.98
CA LEU D 143 16.36 18.80 -7.52
C LEU D 143 17.11 19.77 -8.41
N GLU D 144 18.33 19.44 -8.82
CA GLU D 144 19.08 20.37 -9.66
C GLU D 144 18.42 20.55 -11.03
N ILE D 145 17.98 19.46 -11.65
CA ILE D 145 17.27 19.59 -12.92
C ILE D 145 15.98 20.37 -12.71
N GLY D 146 15.22 20.02 -11.66
CA GLY D 146 13.97 20.71 -11.41
C GLY D 146 14.15 22.22 -11.26
N LYS D 147 15.17 22.64 -10.52
CA LYS D 147 15.41 24.07 -10.36
C LYS D 147 15.69 24.73 -11.71
N GLN D 148 16.45 24.06 -12.58
CA GLN D 148 16.72 24.63 -13.89
C GLN D 148 15.46 24.67 -14.74
N LEU D 149 14.61 23.64 -14.65
CA LEU D 149 13.38 23.64 -15.43
C LEU D 149 12.43 24.75 -14.95
N ILE D 150 12.37 24.99 -13.64
CA ILE D 150 11.57 26.08 -13.12
C ILE D 150 12.09 27.41 -13.64
N LYS D 151 13.41 27.59 -13.64
CA LYS D 151 13.98 28.84 -14.14
C LYS D 151 13.66 29.08 -15.61
N ALA D 152 13.58 28.02 -16.42
CA ALA D 152 13.31 28.13 -17.84
C ALA D 152 11.84 28.05 -18.19
N GLN D 153 10.97 27.81 -17.21
CA GLN D 153 9.56 27.55 -17.44
C GLN D 153 9.37 26.43 -18.46
N LYS D 154 10.04 25.32 -18.21
CA LYS D 154 9.91 24.10 -18.99
C LYS D 154 9.50 22.94 -18.09
N GLY D 155 8.76 21.99 -18.69
CA GLY D 155 8.36 20.78 -18.00
C GLY D 155 9.18 19.58 -18.44
N ALA D 156 8.91 18.44 -17.79
CA ALA D 156 9.60 17.22 -18.14
C ALA D 156 8.90 16.04 -17.50
N ALA D 157 9.22 14.84 -17.97
CA ALA D 157 8.78 13.58 -17.39
C ALA D 157 10.01 12.93 -16.75
N PHE D 158 9.88 12.62 -15.47
CA PHE D 158 10.91 11.98 -14.67
C PHE D 158 10.48 10.54 -14.39
N LEU D 159 11.46 9.66 -14.39
CA LEU D 159 11.26 8.24 -14.11
C LEU D 159 12.39 7.77 -13.20
N ALA D 160 12.02 7.08 -12.13
CA ALA D 160 12.97 6.44 -11.25
C ALA D 160 12.76 4.94 -11.28
N ILE D 161 13.86 4.20 -11.43
CA ILE D 161 13.83 2.75 -11.39
C ILE D 161 14.13 2.34 -9.96
N THR D 162 13.15 1.75 -9.29
CA THR D 162 13.37 1.27 -7.93
C THR D 162 13.42 -0.25 -7.95
N THR D 163 12.47 -0.92 -7.30
CA THR D 163 12.46 -2.37 -7.15
C THR D 163 11.20 -2.72 -6.38
N ILE D 164 10.68 -3.94 -6.58
CA ILE D 164 9.54 -4.38 -5.79
C ILE D 164 9.83 -4.38 -4.29
N TYR D 165 11.08 -4.54 -3.88
CA TYR D 165 11.37 -4.62 -2.45
C TYR D 165 11.52 -3.26 -1.77
N ALA D 166 11.45 -2.16 -2.52
CA ALA D 166 11.39 -0.84 -1.91
C ALA D 166 10.11 -0.69 -1.10
N GLU D 167 8.98 -1.13 -1.65
CA GLU D 167 7.71 -0.96 -0.97
C GLU D 167 7.47 -2.04 0.07
N SER D 168 7.96 -3.25 -0.16
CA SER D 168 7.71 -4.31 0.79
C SER D 168 8.72 -4.37 1.93
N GLY D 169 9.92 -3.84 1.74
CA GLY D 169 11.07 -4.23 2.52
C GLY D 169 11.61 -5.55 2.03
N SER D 170 12.88 -5.82 2.36
CA SER D 170 13.40 -7.18 2.24
C SER D 170 14.68 -7.31 3.04
N GLY D 171 14.79 -8.39 3.80
CA GLY D 171 16.07 -8.78 4.35
C GLY D 171 17.11 -8.95 3.25
N PHE D 172 18.37 -8.80 3.64
CA PHE D 172 19.56 -9.08 2.84
C PHE D 172 19.87 -8.02 1.77
N VAL D 173 18.89 -7.20 1.43
CA VAL D 173 19.10 -6.03 0.57
C VAL D 173 18.58 -4.79 1.31
N MET D 174 18.78 -4.73 2.61
CA MET D 174 18.10 -3.75 3.45
C MET D 174 18.50 -2.32 3.14
N PRO D 175 19.78 -1.99 2.94
CA PRO D 175 20.10 -0.60 2.60
C PRO D 175 19.51 -0.18 1.26
N SER D 176 19.53 -1.08 0.28
CA SER D 176 18.94 -0.78 -1.01
C SER D 176 17.44 -0.59 -0.87
N SER D 177 16.77 -1.47 -0.13
CA SER D 177 15.34 -1.32 0.13
C SER D 177 15.04 0.06 0.72
N SER D 178 15.82 0.44 1.73
CA SER D 178 15.62 1.71 2.41
C SER D 178 15.80 2.89 1.46
N ALA D 179 16.94 2.92 0.76
CA ALA D 179 17.24 4.05 -0.11
C ALA D 179 16.22 4.14 -1.24
N LYS D 180 15.85 2.99 -1.82
CA LYS D 180 14.91 2.97 -2.93
C LYS D 180 13.50 3.37 -2.48
N SER D 181 13.11 2.99 -1.26
CA SER D 181 11.84 3.45 -0.74
C SER D 181 11.85 4.97 -0.58
N GLY D 182 12.97 5.50 -0.10
CA GLY D 182 13.10 6.95 -0.06
C GLY D 182 12.93 7.61 -1.42
N VAL D 183 13.48 6.99 -2.48
CA VAL D 183 13.29 7.50 -3.83
C VAL D 183 11.81 7.47 -4.23
N GLU D 184 11.09 6.43 -3.87
CA GLU D 184 9.66 6.37 -4.17
C GLU D 184 8.92 7.53 -3.50
N ALA D 185 9.17 7.75 -2.21
CA ALA D 185 8.50 8.84 -1.52
C ALA D 185 8.87 10.18 -2.14
N MET D 186 10.15 10.37 -2.49
CA MET D 186 10.56 11.60 -3.13
C MET D 186 9.76 11.86 -4.39
N ASN D 187 9.61 10.84 -5.22
CA ASN D 187 8.95 11.04 -6.50
C ASN D 187 7.43 11.25 -6.33
N LYS D 188 6.80 10.56 -5.40
CA LYS D 188 5.39 10.83 -5.13
C LYS D 188 5.20 12.24 -4.59
N SER D 189 6.14 12.69 -3.76
CA SER D 189 6.09 14.03 -3.20
C SER D 189 6.17 15.08 -4.30
N LEU D 190 7.13 14.95 -5.21
CA LEU D 190 7.33 15.94 -6.26
C LEU D 190 6.24 15.89 -7.32
N ALA D 191 5.68 14.71 -7.58
CA ALA D 191 4.50 14.67 -8.45
C ALA D 191 3.39 15.56 -7.89
N ALA D 192 3.17 15.50 -6.57
CA ALA D 192 2.12 16.30 -5.96
C ALA D 192 2.51 17.77 -5.86
N GLU D 193 3.79 18.07 -5.67
CA GLU D 193 4.22 19.44 -5.43
C GLU D 193 4.49 20.24 -6.70
N TRP D 194 4.98 19.59 -7.75
CA TRP D 194 5.53 20.29 -8.90
C TRP D 194 4.66 20.21 -10.15
N GLY D 195 3.38 19.85 -10.01
CA GLY D 195 2.49 19.92 -11.16
C GLY D 195 2.44 21.31 -11.77
N ARG D 196 2.42 22.35 -10.92
CA ARG D 196 2.36 23.71 -11.42
C ARG D 196 3.57 24.07 -12.27
N TYR D 197 4.64 23.29 -12.16
CA TYR D 197 5.84 23.52 -12.93
C TYR D 197 5.98 22.58 -14.11
N GLY D 198 4.96 21.75 -14.39
CA GLY D 198 5.01 20.92 -15.56
C GLY D 198 5.87 19.67 -15.46
N MET D 199 6.23 19.26 -14.26
CA MET D 199 7.07 18.08 -14.06
C MET D 199 6.22 16.97 -13.46
N ARG D 200 6.23 15.80 -14.12
CA ARG D 200 5.56 14.60 -13.62
C ARG D 200 6.63 13.55 -13.32
N PHE D 201 6.30 12.66 -12.37
CA PHE D 201 7.25 11.72 -11.81
C PHE D 201 6.60 10.36 -11.63
N ASN D 202 7.23 9.31 -12.19
CA ASN D 202 6.73 7.95 -12.05
C ASN D 202 7.84 7.01 -11.65
N ILE D 203 7.43 5.83 -11.18
CA ILE D 203 8.31 4.82 -10.65
CA ILE D 203 8.31 4.82 -10.65
C ILE D 203 8.01 3.50 -11.35
N ILE D 204 9.06 2.80 -11.80
CA ILE D 204 8.98 1.39 -12.17
C ILE D 204 9.67 0.58 -11.08
N GLN D 205 9.01 -0.49 -10.62
CA GLN D 205 9.53 -1.41 -9.61
C GLN D 205 9.85 -2.74 -10.30
N PRO D 206 11.09 -2.99 -10.71
CA PRO D 206 11.39 -4.26 -11.38
C PRO D 206 11.54 -5.42 -10.41
N GLY D 207 11.17 -6.59 -10.92
CA GLY D 207 11.62 -7.86 -10.41
C GLY D 207 12.91 -8.23 -11.09
N PRO D 208 13.22 -9.52 -11.18
CA PRO D 208 14.55 -9.94 -11.70
C PRO D 208 14.62 -9.89 -13.22
N ILE D 209 15.66 -9.25 -13.71
CA ILE D 209 15.84 -9.06 -15.13
C ILE D 209 17.11 -9.77 -15.59
N LYS D 210 17.01 -10.45 -16.74
CA LYS D 210 18.10 -11.29 -17.23
C LYS D 210 19.36 -10.47 -17.43
N THR D 211 20.45 -10.94 -16.80
CA THR D 211 21.80 -10.35 -16.77
C THR D 211 22.01 -9.40 -15.57
N ARG D 223 22.33 -19.25 -9.69
CA ARG D 223 22.09 -19.91 -8.41
C ARG D 223 20.66 -19.59 -7.95
N PHE D 224 20.50 -18.42 -7.33
CA PHE D 224 19.19 -17.93 -6.91
C PHE D 224 18.25 -17.77 -8.09
N GLU D 225 18.79 -17.60 -9.30
CA GLU D 225 17.98 -17.28 -10.46
C GLU D 225 17.04 -18.41 -10.84
N LYS D 226 17.44 -19.67 -10.63
CA LYS D 226 16.53 -20.77 -10.96
C LYS D 226 15.41 -20.86 -9.93
N GLU D 227 15.73 -20.63 -8.64
CA GLU D 227 14.68 -20.59 -7.62
C GLU D 227 13.74 -19.43 -7.89
N MET D 228 14.27 -18.29 -8.33
CA MET D 228 13.43 -17.15 -8.60
C MET D 228 12.40 -17.49 -9.64
N ILE D 229 12.79 -18.22 -10.68
CA ILE D 229 11.84 -18.53 -11.75
C ILE D 229 10.65 -19.29 -11.20
N ASP D 230 10.87 -20.20 -10.25
CA ASP D 230 9.74 -20.92 -9.66
C ASP D 230 8.79 -20.01 -8.86
N ARG D 231 9.18 -18.77 -8.55
CA ARG D 231 8.32 -17.84 -7.85
C ARG D 231 7.76 -16.75 -8.76
N ILE D 232 7.96 -16.90 -10.06
CA ILE D 232 7.52 -15.90 -11.01
C ILE D 232 6.36 -16.49 -11.82
N PRO D 233 5.16 -15.98 -11.67
CA PRO D 233 4.04 -16.53 -12.45
C PRO D 233 4.28 -16.58 -13.95
N CYS D 234 4.94 -15.59 -14.54
CA CYS D 234 5.23 -15.66 -15.98
C CYS D 234 6.31 -16.67 -16.33
N GLY D 235 7.01 -17.22 -15.35
CA GLY D 235 7.85 -18.37 -15.60
C GLY D 235 9.20 -18.10 -16.24
N ARG D 236 9.68 -16.87 -16.17
CA ARG D 236 10.97 -16.50 -16.74
C ARG D 236 11.37 -15.17 -16.10
N LEU D 237 12.63 -14.81 -16.30
CA LEU D 237 13.09 -13.47 -15.96
C LEU D 237 12.65 -12.44 -17.00
N GLY D 238 12.60 -11.19 -16.57
CA GLY D 238 12.31 -10.10 -17.48
C GLY D 238 13.49 -9.77 -18.36
N THR D 239 13.24 -9.01 -19.42
CA THR D 239 14.30 -8.55 -20.30
C THR D 239 14.44 -7.03 -20.24
N MET D 240 15.66 -6.58 -20.52
CA MET D 240 15.92 -5.14 -20.53
C MET D 240 15.15 -4.43 -21.63
N GLU D 241 14.93 -5.10 -22.77
CA GLU D 241 14.16 -4.50 -23.85
C GLU D 241 12.72 -4.25 -23.43
N GLU D 242 12.09 -5.23 -22.77
CA GLU D 242 10.72 -5.02 -22.29
C GLU D 242 10.66 -3.88 -21.29
N LEU D 243 11.62 -3.82 -20.37
CA LEU D 243 11.66 -2.70 -19.43
C LEU D 243 11.79 -1.40 -20.18
N ALA D 244 12.64 -1.36 -21.23
CA ALA D 244 12.80 -0.14 -22.00
C ALA D 244 11.52 0.27 -22.72
N ASN D 245 10.70 -0.68 -23.16
CA ASN D 245 9.40 -0.33 -23.74
C ASN D 245 8.51 0.34 -22.69
N LEU D 246 8.46 -0.22 -21.47
CA LEU D 246 7.64 0.40 -20.43
C LEU D 246 8.18 1.78 -20.07
N ALA D 247 9.50 1.91 -19.94
CA ALA D 247 10.11 3.18 -19.56
C ALA D 247 9.89 4.24 -20.63
N THR D 248 10.11 3.89 -21.90
CA THR D 248 9.89 4.88 -22.96
C THR D 248 8.42 5.30 -23.05
N PHE D 249 7.48 4.34 -22.87
CA PHE D 249 6.07 4.74 -22.79
C PHE D 249 5.84 5.78 -21.69
N LEU D 250 6.30 5.48 -20.47
CA LEU D 250 6.05 6.37 -19.35
C LEU D 250 6.68 7.74 -19.55
N CYS D 251 7.79 7.82 -20.26
CA CYS D 251 8.47 9.09 -20.49
C CYS D 251 8.02 9.80 -21.76
N SER D 252 7.06 9.23 -22.49
CA SER D 252 6.57 9.77 -23.74
C SER D 252 5.33 10.62 -23.51
N ASP D 253 5.00 11.43 -24.51
CA ASP D 253 3.82 12.28 -24.43
C ASP D 253 2.52 11.49 -24.42
N TYR D 254 2.55 10.22 -24.84
CA TYR D 254 1.38 9.37 -24.73
C TYR D 254 0.98 9.11 -23.28
N ALA D 255 1.91 9.32 -22.34
CA ALA D 255 1.68 9.13 -20.93
C ALA D 255 1.65 10.46 -20.17
N SER D 256 1.27 11.55 -20.84
CA SER D 256 1.32 12.87 -20.23
C SER D 256 0.34 13.06 -19.08
N TRP D 257 -0.61 12.14 -18.87
CA TRP D 257 -1.50 12.19 -17.71
C TRP D 257 -1.16 11.11 -16.69
N ILE D 258 -0.03 10.42 -16.85
CA ILE D 258 0.43 9.42 -15.88
C ILE D 258 1.47 10.12 -15.00
N ASN D 259 1.18 10.19 -13.71
CA ASN D 259 1.96 11.03 -12.80
C ASN D 259 1.74 10.50 -11.40
N GLY D 260 2.84 10.29 -10.67
CA GLY D 260 2.75 9.69 -9.36
C GLY D 260 2.47 8.22 -9.35
N ALA D 261 2.57 7.55 -10.49
CA ALA D 261 2.29 6.14 -10.59
C ALA D 261 3.49 5.29 -10.21
N VAL D 262 3.21 4.11 -9.66
CA VAL D 262 4.21 3.14 -9.27
C VAL D 262 3.81 1.82 -9.94
N ILE D 263 4.62 1.32 -10.87
CA ILE D 263 4.25 0.18 -11.70
C ILE D 263 5.22 -0.97 -11.46
N ARG D 264 4.67 -2.11 -11.03
CA ARG D 264 5.47 -3.34 -10.95
C ARG D 264 5.74 -3.92 -12.33
N PHE D 265 7.01 -4.22 -12.57
CA PHE D 265 7.49 -4.87 -13.79
C PHE D 265 8.21 -6.12 -13.31
N ASP D 266 7.46 -7.20 -13.08
CA ASP D 266 8.01 -8.30 -12.28
C ASP D 266 7.47 -9.68 -12.63
N GLY D 267 6.79 -9.84 -13.75
CA GLY D 267 6.26 -11.14 -14.14
C GLY D 267 5.25 -11.72 -13.16
N GLY D 268 4.71 -10.89 -12.26
CA GLY D 268 3.84 -11.34 -11.19
C GLY D 268 4.55 -11.75 -9.91
N GLU D 269 5.87 -11.56 -9.83
CA GLU D 269 6.61 -12.07 -8.69
C GLU D 269 6.05 -11.53 -7.37
N GLU D 270 5.81 -10.22 -7.29
CA GLU D 270 5.44 -9.67 -5.99
C GLU D 270 4.10 -10.18 -5.51
N VAL D 271 3.11 -10.28 -6.39
CA VAL D 271 1.83 -10.82 -5.94
C VAL D 271 1.98 -12.29 -5.54
N PHE D 272 2.84 -13.03 -6.23
CA PHE D 272 3.08 -14.41 -5.83
C PHE D 272 3.70 -14.48 -4.45
N LEU D 273 4.78 -13.74 -4.24
CA LEU D 273 5.49 -13.75 -2.96
C LEU D 273 4.57 -13.37 -1.83
N SER D 274 3.76 -12.33 -2.04
CA SER D 274 3.04 -11.69 -0.94
C SER D 274 1.77 -12.43 -0.52
N GLY D 275 1.25 -13.32 -1.34
CA GLY D 275 0.01 -13.99 -0.97
C GLY D 275 0.18 -15.22 -0.11
N GLU D 276 -0.52 -15.21 1.04
CA GLU D 276 -0.30 -16.20 2.09
C GLU D 276 -0.43 -17.64 1.61
N PHE D 277 -1.33 -17.94 0.69
CA PHE D 277 -1.59 -19.32 0.28
C PHE D 277 -1.07 -19.66 -1.10
N ASN D 278 -0.26 -18.81 -1.70
CA ASN D 278 0.21 -19.08 -3.06
C ASN D 278 1.11 -20.29 -3.14
N SER D 279 1.74 -20.68 -2.03
CA SER D 279 2.56 -21.87 -2.05
C SER D 279 1.76 -23.14 -2.31
N LEU D 280 0.42 -23.08 -2.22
CA LEU D 280 -0.40 -24.25 -2.49
C LEU D 280 -0.41 -24.59 -3.97
N LYS D 281 0.32 -23.83 -4.79
CA LYS D 281 0.49 -24.26 -6.17
C LYS D 281 1.11 -25.65 -6.26
N LYS D 282 1.82 -26.10 -5.23
CA LYS D 282 2.42 -27.42 -5.28
C LYS D 282 1.42 -28.56 -5.07
N VAL D 283 0.22 -28.25 -4.61
CA VAL D 283 -0.77 -29.32 -4.37
C VAL D 283 -1.21 -29.89 -5.71
N THR D 284 -1.23 -31.22 -5.80
CA THR D 284 -1.53 -31.87 -7.07
C THR D 284 -3.03 -31.98 -7.30
N LYS D 285 -3.39 -32.23 -8.56
CA LYS D 285 -4.78 -32.48 -8.90
C LYS D 285 -5.38 -33.56 -8.02
N GLU D 286 -4.64 -34.65 -7.80
CA GLU D 286 -5.17 -35.78 -7.04
C GLU D 286 -5.39 -35.40 -5.58
N GLU D 287 -4.48 -34.61 -5.01
CA GLU D 287 -4.69 -34.12 -3.66
C GLU D 287 -5.93 -33.25 -3.56
N TRP D 288 -6.14 -32.35 -4.52
CA TRP D 288 -7.34 -31.52 -4.49
C TRP D 288 -8.60 -32.38 -4.62
N ASP D 289 -8.59 -33.37 -5.51
CA ASP D 289 -9.75 -34.24 -5.65
C ASP D 289 -10.09 -34.90 -4.32
N ILE D 290 -9.08 -35.43 -3.63
CA ILE D 290 -9.29 -36.10 -2.36
C ILE D 290 -10.10 -35.20 -1.43
N ILE D 291 -9.73 -33.94 -1.36
CA ILE D 291 -10.57 -32.96 -0.67
C ILE D 291 -11.79 -32.72 -1.58
#